data_8OKU
#
_entry.id   8OKU
#
_cell.length_a   174.553
_cell.length_b   174.553
_cell.length_c   152.308
_cell.angle_alpha   90.00
_cell.angle_beta   90.00
_cell.angle_gamma   120.00
#
_symmetry.space_group_name_H-M   'P 65 2 2'
#
loop_
_entity.id
_entity.type
_entity.pdbx_description
1 polymer 'Serine/threonine-protein kinase SIK3'
2 non-polymer ~{N}-ethyl-4-[5-[1-(2-hydroxyethyl)pyrazol-4-yl]benzimidazol-1-yl]-2,6-dimethoxy-benzamide
3 water water
#
_entity_poly.entity_id   1
_entity_poly.type   'polypeptide(L)'
_entity_poly.pdbx_seq_one_letter_code
;MHHHHHHLVPRGSPARIGYYEIDRTIGKGNFAVVKRATHLVTKAKVAIKIIDKTQLDEENLKKIFREVQIMKMLCHPHII
RLYQVMETERMIYLVTEYASGGEIFDHLVAHGRMAEKEARRKFKQIVTAVYFCHCRNIVHRDLKAENLLLDANLNIKIAD
FGFSNLFTPGQLLKDWCGSPPYAAPELFEGKEYDGPKVDIWSLGVVLYVLVCGALPFDGSTLQNLRARVLSGKFRIPFFM
STECEHLIRHMLVLDPNKRLSMEQICKHKWMKLGDADPNFDRLIAECQQLKEERQVDPLNEDVLLAMEDMGLDKEQTLQS
LRSDAYDHYSAIYSLLCDRHKRHKTLRL
;
_entity_poly.pdbx_strand_id   A,B
#
# COMPACT_ATOMS: atom_id res chain seq x y z
N MET A 1 7.89 -29.61 10.24
CA MET A 1 7.03 -29.57 9.04
C MET A 1 7.74 -29.07 7.77
N HIS A 2 8.48 -29.96 7.12
CA HIS A 2 9.32 -29.59 5.98
C HIS A 2 8.47 -29.06 4.83
N HIS A 3 8.87 -27.93 4.26
CA HIS A 3 8.21 -27.37 3.08
C HIS A 3 9.15 -26.36 2.45
N HIS A 4 8.93 -26.08 1.17
CA HIS A 4 9.71 -25.06 0.47
C HIS A 4 8.77 -23.93 0.12
N HIS A 5 9.32 -22.75 -0.11
CA HIS A 5 8.49 -21.57 -0.41
C HIS A 5 8.65 -21.21 -1.89
N HIS A 6 7.72 -21.65 -2.73
CA HIS A 6 7.85 -21.48 -4.17
C HIS A 6 7.01 -20.31 -4.63
N HIS A 7 7.46 -19.66 -5.70
CA HIS A 7 6.89 -18.40 -6.17
C HIS A 7 6.14 -18.63 -7.46
N LEU A 8 4.87 -18.25 -7.46
CA LEU A 8 3.91 -18.83 -8.39
C LEU A 8 4.36 -18.66 -9.83
N VAL A 9 4.39 -17.42 -10.30
CA VAL A 9 5.14 -17.12 -11.51
C VAL A 9 6.58 -17.13 -11.05
N PRO A 10 7.40 -18.09 -11.49
CA PRO A 10 8.81 -18.07 -11.08
C PRO A 10 9.36 -16.69 -11.38
N ARG A 11 9.76 -15.97 -10.33
CA ARG A 11 10.20 -14.59 -10.47
C ARG A 11 11.63 -14.55 -11.03
N GLY A 12 11.82 -13.76 -12.09
CA GLY A 12 13.13 -13.63 -12.69
C GLY A 12 14.15 -13.05 -11.72
N SER A 13 15.41 -13.03 -12.19
CA SER A 13 16.51 -12.50 -11.40
C SER A 13 16.47 -10.96 -11.35
N PRO A 14 17.01 -10.35 -10.28
CA PRO A 14 16.92 -8.90 -10.14
C PRO A 14 17.76 -8.15 -11.18
N ALA A 15 17.29 -6.98 -11.58
CA ALA A 15 18.12 -6.17 -12.43
C ALA A 15 19.15 -5.43 -11.59
N ARG A 16 20.29 -5.16 -12.20
CA ARG A 16 21.37 -4.40 -11.61
C ARG A 16 21.80 -3.34 -12.60
N ILE A 17 22.02 -2.12 -12.13
CA ILE A 17 22.60 -1.07 -12.94
C ILE A 17 23.90 -0.66 -12.31
N GLY A 18 24.99 -1.38 -12.59
CA GLY A 18 26.28 -0.93 -12.12
C GLY A 18 26.39 -0.66 -10.62
N TYR A 19 26.30 -1.71 -9.80
CA TYR A 19 26.38 -1.69 -8.33
C TYR A 19 25.02 -1.33 -7.71
N TYR A 20 24.04 -0.84 -8.48
CA TYR A 20 22.74 -0.71 -7.90
C TYR A 20 21.95 -1.97 -8.24
N GLU A 21 21.12 -2.42 -7.30
CA GLU A 21 20.25 -3.58 -7.46
C GLU A 21 18.81 -3.17 -7.22
N ILE A 22 18.00 -3.21 -8.28
CA ILE A 22 16.64 -2.72 -8.28
C ILE A 22 15.73 -3.66 -7.48
N ASP A 23 14.86 -3.10 -6.63
CA ASP A 23 13.95 -3.88 -5.79
C ASP A 23 12.53 -3.73 -6.29
N ARG A 24 11.94 -2.55 -6.19
CA ARG A 24 10.52 -2.44 -6.44
C ARG A 24 10.22 -1.04 -6.91
N THR A 25 9.14 -0.91 -7.64
CA THR A 25 8.71 0.40 -8.07
C THR A 25 8.19 1.13 -6.85
N ILE A 26 8.59 2.38 -6.66
CA ILE A 26 8.05 3.18 -5.57
C ILE A 26 7.43 4.45 -6.09
N GLY A 27 7.45 4.70 -7.40
CA GLY A 27 6.82 5.90 -7.93
C GLY A 27 6.62 5.77 -9.41
N LYS A 28 5.70 6.57 -9.93
CA LYS A 28 5.41 6.63 -11.35
C LYS A 28 5.36 8.08 -11.76
N GLY A 29 5.90 8.38 -12.93
CA GLY A 29 6.00 9.74 -13.40
C GLY A 29 5.43 9.85 -14.80
N ASN A 30 5.51 11.08 -15.30
CA ASN A 30 5.05 11.34 -16.64
C ASN A 30 5.85 10.52 -17.65
N PHE A 31 7.18 10.58 -17.54
CA PHE A 31 8.03 9.86 -18.46
C PHE A 31 9.02 8.99 -17.71
N ALA A 32 8.74 8.71 -16.44
CA ALA A 32 9.68 8.03 -15.55
C ALA A 32 8.97 7.00 -14.70
N VAL A 33 9.77 6.09 -14.15
CA VAL A 33 9.39 5.20 -13.06
C VAL A 33 10.46 5.35 -11.98
N VAL A 34 10.05 5.37 -10.71
CA VAL A 34 10.96 5.45 -9.57
C VAL A 34 11.04 4.07 -8.94
N LYS A 35 12.26 3.55 -8.74
CA LYS A 35 12.48 2.21 -8.19
C LYS A 35 13.39 2.26 -6.98
N ARG A 36 13.06 1.51 -5.93
CA ARG A 36 13.95 1.45 -4.78
C ARG A 36 15.09 0.50 -5.08
N ALA A 37 16.30 0.87 -4.70
CA ALA A 37 17.40 -0.01 -5.03
C ALA A 37 18.45 0.07 -3.94
N THR A 38 19.37 -0.86 -3.99
CA THR A 38 20.40 -0.99 -2.99
C THR A 38 21.76 -0.75 -3.62
N HIS A 39 22.57 0.10 -3.00
CA HIS A 39 23.91 0.24 -3.53
C HIS A 39 24.72 -0.91 -2.99
N LEU A 40 25.11 -1.84 -3.87
CA LEU A 40 25.76 -3.06 -3.39
C LEU A 40 27.06 -2.74 -2.64
N VAL A 41 27.78 -1.71 -3.06
CA VAL A 41 29.07 -1.42 -2.44
C VAL A 41 28.90 -0.87 -1.02
N THR A 42 28.04 0.13 -0.84
CA THR A 42 27.94 0.80 0.45
C THR A 42 26.78 0.28 1.32
N LYS A 43 25.98 -0.65 0.77
CA LYS A 43 24.82 -1.30 1.36
C LYS A 43 23.68 -0.30 1.63
N ALA A 44 23.85 0.96 1.26
CA ALA A 44 22.85 2.00 1.42
C ALA A 44 21.63 1.77 0.53
N LYS A 45 20.48 2.27 0.97
CA LYS A 45 19.27 2.22 0.17
C LYS A 45 19.04 3.56 -0.54
N VAL A 46 18.61 3.49 -1.79
CA VAL A 46 18.40 4.66 -2.62
C VAL A 46 17.17 4.49 -3.49
N ALA A 47 16.71 5.62 -3.99
CA ALA A 47 15.67 5.70 -5.00
C ALA A 47 16.36 5.99 -6.32
N ILE A 48 15.81 5.49 -7.41
CA ILE A 48 16.36 5.73 -8.73
C ILE A 48 15.23 6.14 -9.64
N LYS A 49 15.27 7.36 -10.15
CA LYS A 49 14.29 7.74 -11.14
C LYS A 49 14.86 7.37 -12.49
N ILE A 50 14.10 6.58 -13.26
CA ILE A 50 14.56 5.96 -14.50
C ILE A 50 13.80 6.51 -15.68
N ILE A 51 14.50 7.15 -16.62
CA ILE A 51 13.85 7.83 -17.73
C ILE A 51 14.29 7.23 -19.05
N ASP A 52 13.32 6.85 -19.85
CA ASP A 52 13.54 6.28 -21.17
C ASP A 52 13.37 7.40 -22.16
N LYS A 53 14.50 7.94 -22.60
CA LYS A 53 14.52 9.07 -23.53
C LYS A 53 14.13 8.68 -24.95
N THR A 54 14.04 7.38 -25.28
CA THR A 54 13.70 7.05 -26.66
C THR A 54 12.37 7.65 -27.05
N GLN A 55 11.45 7.72 -26.13
CA GLN A 55 10.11 8.16 -26.47
C GLN A 55 9.92 9.65 -26.27
N LEU A 56 11.01 10.37 -26.05
CA LEU A 56 10.97 11.79 -25.72
C LEU A 56 11.38 12.62 -26.92
N ASP A 57 10.61 13.68 -27.16
CA ASP A 57 11.11 14.70 -28.07
C ASP A 57 12.13 15.58 -27.37
N GLU A 58 12.71 16.47 -28.18
CA GLU A 58 13.83 17.28 -27.73
C GLU A 58 13.43 18.25 -26.64
N GLU A 59 12.17 18.70 -26.65
CA GLU A 59 11.71 19.61 -25.60
C GLU A 59 11.71 18.94 -24.25
N ASN A 60 11.15 17.74 -24.16
CA ASN A 60 11.08 17.04 -22.90
C ASN A 60 12.47 16.87 -22.29
N LEU A 61 13.46 16.59 -23.15
CA LEU A 61 14.84 16.35 -22.71
C LEU A 61 15.44 17.59 -22.07
N LYS A 62 15.16 18.77 -22.62
CA LYS A 62 15.63 19.97 -21.95
C LYS A 62 14.95 20.19 -20.63
N LYS A 63 13.66 19.90 -20.53
CA LYS A 63 13.00 20.14 -19.26
C LYS A 63 13.63 19.24 -18.20
N ILE A 64 13.98 18.00 -18.55
CA ILE A 64 14.63 17.08 -17.61
C ILE A 64 16.02 17.57 -17.22
N PHE A 65 16.79 18.12 -18.16
CA PHE A 65 18.09 18.65 -17.76
C PHE A 65 17.93 19.81 -16.80
N ARG A 66 16.90 20.65 -17.00
CA ARG A 66 16.61 21.72 -16.06
C ARG A 66 16.35 21.17 -14.68
N GLU A 67 15.54 20.11 -14.59
CA GLU A 67 15.29 19.49 -13.29
C GLU A 67 16.59 19.02 -12.65
N VAL A 68 17.45 18.37 -13.44
CA VAL A 68 18.67 17.83 -12.87
C VAL A 68 19.57 18.93 -12.35
N GLN A 69 19.67 20.03 -13.10
CA GLN A 69 20.56 21.09 -12.63
C GLN A 69 20.01 21.70 -11.36
N ILE A 70 18.68 21.83 -11.26
CA ILE A 70 18.07 22.34 -10.04
C ILE A 70 18.42 21.46 -8.87
N MET A 71 18.34 20.14 -9.07
CA MET A 71 18.62 19.22 -7.99
C MET A 71 20.06 19.35 -7.52
N LYS A 72 20.98 19.63 -8.45
CA LYS A 72 22.39 19.78 -8.06
C LYS A 72 22.55 20.93 -7.10
N MET A 73 21.68 21.94 -7.22
CA MET A 73 21.75 23.16 -6.43
C MET A 73 21.34 22.94 -4.97
N LEU A 74 20.47 21.95 -4.71
CA LEU A 74 19.84 21.73 -3.40
C LEU A 74 20.48 20.56 -2.67
N CYS A 75 21.30 20.88 -1.68
CA CYS A 75 21.80 19.94 -0.69
C CYS A 75 21.29 20.47 0.64
N HIS A 76 20.19 19.89 1.13
CA HIS A 76 19.43 20.38 2.25
C HIS A 76 18.84 19.19 3.00
N PRO A 77 18.84 19.21 4.34
CA PRO A 77 18.44 18.01 5.09
C PRO A 77 16.97 17.67 4.91
N HIS A 78 16.15 18.61 4.46
CA HIS A 78 14.73 18.38 4.22
C HIS A 78 14.36 18.45 2.76
N ILE A 79 15.36 18.31 1.87
CA ILE A 79 15.19 18.19 0.43
C ILE A 79 15.82 16.87 0.02
N ILE A 80 15.13 16.07 -0.81
CA ILE A 80 15.70 14.79 -1.22
C ILE A 80 17.05 15.03 -1.87
N ARG A 81 18.03 14.18 -1.57
CA ARG A 81 19.42 14.45 -1.94
C ARG A 81 19.83 13.62 -3.17
N LEU A 82 20.37 14.28 -4.18
CA LEU A 82 20.79 13.61 -5.40
C LEU A 82 22.19 13.05 -5.21
N TYR A 83 22.34 11.74 -5.35
CA TYR A 83 23.62 11.08 -5.15
C TYR A 83 24.42 10.97 -6.43
N GLN A 84 23.82 10.48 -7.50
CA GLN A 84 24.56 10.44 -8.75
C GLN A 84 23.60 10.37 -9.92
N VAL A 85 24.10 10.82 -11.06
CA VAL A 85 23.40 10.72 -12.34
C VAL A 85 24.17 9.76 -13.23
N MET A 86 23.46 8.85 -13.88
CA MET A 86 24.02 7.95 -14.86
C MET A 86 23.22 8.15 -16.12
N GLU A 87 23.88 8.07 -17.26
CA GLU A 87 23.22 8.21 -18.54
C GLU A 87 23.73 7.13 -19.46
N THR A 88 22.86 6.58 -20.27
CA THR A 88 23.34 5.71 -21.31
C THR A 88 22.77 6.24 -22.62
N GLU A 89 23.08 5.55 -23.71
CA GLU A 89 22.61 6.01 -25.00
C GLU A 89 21.11 6.20 -24.93
N ARG A 90 20.46 5.36 -24.10
CA ARG A 90 19.01 5.21 -24.06
C ARG A 90 18.34 5.64 -22.76
N MET A 91 19.04 5.69 -21.63
CA MET A 91 18.41 5.87 -20.33
C MET A 91 19.06 7.00 -19.54
N ILE A 92 18.27 7.60 -18.66
CA ILE A 92 18.80 8.53 -17.68
C ILE A 92 18.45 7.96 -16.31
N TYR A 93 19.44 7.83 -15.43
CA TYR A 93 19.20 7.29 -14.09
C TYR A 93 19.48 8.38 -13.05
N LEU A 94 18.51 8.68 -12.24
CA LEU A 94 18.72 9.65 -11.16
C LEU A 94 18.73 8.91 -9.82
N VAL A 95 19.89 8.86 -9.18
CA VAL A 95 19.99 8.19 -7.89
C VAL A 95 19.86 9.22 -6.80
N THR A 96 18.76 9.14 -6.05
CA THR A 96 18.44 10.08 -4.99
C THR A 96 18.23 9.33 -3.66
N GLU A 97 18.25 10.12 -2.58
CA GLU A 97 18.13 9.61 -1.22
C GLU A 97 16.81 8.89 -1.06
N TYR A 98 16.82 7.80 -0.28
CA TYR A 98 15.60 7.00 -0.07
C TYR A 98 14.95 7.32 1.26
N ALA A 99 13.65 7.61 1.22
CA ALA A 99 12.86 8.02 2.38
C ALA A 99 12.02 6.82 2.85
N SER A 100 12.42 6.23 3.99
CA SER A 100 11.79 5.02 4.51
C SER A 100 10.32 5.23 4.85
N GLY A 101 9.97 6.39 5.38
CA GLY A 101 8.61 6.63 5.83
C GLY A 101 7.57 6.73 4.74
N GLY A 102 7.93 7.24 3.58
CA GLY A 102 6.95 7.30 2.52
C GLY A 102 6.12 8.58 2.56
N GLU A 103 5.00 8.54 1.85
CA GLU A 103 4.12 9.70 1.80
C GLU A 103 3.62 10.05 3.20
N ILE A 104 3.58 11.35 3.47
CA ILE A 104 3.05 11.80 4.75
C ILE A 104 1.55 11.58 4.77
N PHE A 105 0.87 11.80 3.65
CA PHE A 105 -0.59 11.68 3.67
C PHE A 105 -1.02 10.27 4.03
N ASP A 106 -0.39 9.26 3.46
CA ASP A 106 -0.75 7.91 3.85
C ASP A 106 -0.42 7.66 5.31
N HIS A 107 0.71 8.17 5.77
CA HIS A 107 1.07 8.07 7.18
C HIS A 107 0.02 8.67 8.10
N LEU A 108 -0.62 9.77 7.68
CA LEU A 108 -1.67 10.37 8.50
C LEU A 108 -2.90 9.46 8.55
N VAL A 109 -3.21 8.80 7.43
CA VAL A 109 -4.34 7.87 7.40
C VAL A 109 -4.17 6.79 8.45
N ALA A 110 -2.94 6.32 8.62
CA ALA A 110 -2.64 5.25 9.59
C ALA A 110 -2.70 5.75 11.03
N HIS A 111 -2.22 6.95 11.30
CA HIS A 111 -2.00 7.40 12.67
C HIS A 111 -2.81 8.64 13.04
N GLY A 112 -3.59 9.15 12.10
CA GLY A 112 -4.44 10.29 12.35
C GLY A 112 -3.69 11.60 12.27
N ARG A 113 -4.48 12.67 12.38
CA ARG A 113 -4.03 14.04 12.20
C ARG A 113 -2.96 14.40 13.25
N MET A 114 -2.24 15.47 12.96
CA MET A 114 -1.13 15.86 13.80
C MET A 114 -1.58 16.82 14.88
N ALA A 115 -1.11 16.56 16.09
CA ALA A 115 -1.28 17.53 17.15
C ALA A 115 -0.45 18.75 16.77
N GLU A 116 -0.96 19.95 17.07
CA GLU A 116 -0.32 21.15 16.54
C GLU A 116 1.15 21.26 16.93
N LYS A 117 1.52 20.73 18.10
CA LYS A 117 2.93 20.70 18.47
C LYS A 117 3.73 19.94 17.43
N GLU A 118 3.21 18.79 16.99
CA GLU A 118 3.84 17.99 15.93
C GLU A 118 3.79 18.71 14.60
N ALA A 119 2.60 19.15 14.19
CA ALA A 119 2.45 19.85 12.92
C ALA A 119 3.42 21.02 12.81
N ARG A 120 3.65 21.72 13.93
CA ARG A 120 4.56 22.87 13.91
C ARG A 120 5.99 22.43 13.62
N ARG A 121 6.40 21.30 14.20
CA ARG A 121 7.75 20.79 13.99
C ARG A 121 8.02 20.46 12.53
N LYS A 122 7.12 19.66 11.92
CA LYS A 122 7.23 19.27 10.52
C LYS A 122 7.10 20.47 9.58
N PHE A 123 6.08 21.32 9.80
CA PHE A 123 5.94 22.51 8.97
C PHE A 123 7.18 23.39 9.02
N LYS A 124 7.79 23.53 10.20
CA LYS A 124 9.07 24.24 10.28
C LYS A 124 10.11 23.60 9.35
N GLN A 125 10.17 22.26 9.35
CA GLN A 125 11.10 21.55 8.47
C GLN A 125 10.76 21.78 7.02
N ILE A 126 9.47 21.82 6.68
CA ILE A 126 9.08 22.04 5.30
C ILE A 126 9.48 23.43 4.86
N VAL A 127 9.16 24.43 5.68
CA VAL A 127 9.42 25.82 5.31
C VAL A 127 10.94 26.04 5.16
N THR A 128 11.76 25.46 6.04
CA THR A 128 13.21 25.61 5.85
C THR A 128 13.63 25.05 4.51
N ALA A 129 12.94 24.01 4.05
CA ALA A 129 13.23 23.45 2.73
C ALA A 129 12.78 24.41 1.64
N VAL A 130 11.52 24.85 1.68
CA VAL A 130 11.03 25.75 0.64
C VAL A 130 11.73 27.10 0.66
N TYR A 131 12.01 27.64 1.86
CA TYR A 131 12.72 28.93 1.91
C TYR A 131 14.09 28.81 1.28
N PHE A 132 14.79 27.72 1.56
CA PHE A 132 16.09 27.45 0.96
C PHE A 132 16.00 27.45 -0.57
N CYS A 133 14.92 26.91 -1.10
CA CYS A 133 14.68 26.88 -2.55
C CYS A 133 14.42 28.28 -3.10
N HIS A 134 13.53 29.02 -2.44
CA HIS A 134 13.15 30.35 -2.92
C HIS A 134 14.32 31.31 -2.82
N CYS A 135 15.12 31.23 -1.74
CA CYS A 135 16.31 32.05 -1.57
C CYS A 135 17.30 31.80 -2.68
N ARG A 136 17.27 30.61 -3.27
CA ARG A 136 18.12 30.20 -4.38
C ARG A 136 17.39 30.27 -5.73
N ASN A 137 16.30 31.04 -5.82
CA ASN A 137 15.59 31.31 -7.08
C ASN A 137 14.98 30.06 -7.72
N ILE A 138 14.30 29.23 -6.90
CA ILE A 138 13.60 28.05 -7.37
C ILE A 138 12.20 27.99 -6.76
N VAL A 139 11.23 27.53 -7.53
CA VAL A 139 9.88 27.28 -7.00
C VAL A 139 9.49 25.83 -7.30
N HIS A 140 8.92 25.15 -6.31
CA HIS A 140 8.51 23.76 -6.49
C HIS A 140 7.29 23.66 -7.38
N ARG A 141 6.25 24.45 -7.10
CA ARG A 141 5.05 24.56 -7.93
C ARG A 141 4.14 23.34 -7.82
N ASP A 142 4.58 22.29 -7.12
CA ASP A 142 3.77 21.08 -6.98
C ASP A 142 3.91 20.59 -5.54
N LEU A 143 3.83 21.51 -4.58
CA LEU A 143 4.00 21.11 -3.18
C LEU A 143 2.72 20.45 -2.71
N LYS A 144 2.71 19.12 -2.69
CA LYS A 144 1.52 18.37 -2.32
C LYS A 144 1.93 17.33 -1.27
N ALA A 145 0.91 16.79 -0.60
CA ALA A 145 1.17 15.83 0.47
C ALA A 145 1.98 14.65 -0.06
N GLU A 146 1.70 14.24 -1.30
CA GLU A 146 2.33 13.10 -1.96
C GLU A 146 3.81 13.35 -2.26
N ASN A 147 4.24 14.60 -2.38
CA ASN A 147 5.64 14.90 -2.58
C ASN A 147 6.35 15.25 -1.29
N LEU A 148 5.71 15.03 -0.15
CA LEU A 148 6.31 15.19 1.17
C LEU A 148 6.59 13.82 1.78
N LEU A 149 7.85 13.53 2.04
CA LEU A 149 8.23 12.18 2.43
C LEU A 149 8.79 12.15 3.84
N LEU A 150 8.87 10.95 4.41
CA LEU A 150 9.37 10.77 5.76
C LEU A 150 10.54 9.81 5.74
N ASP A 151 11.60 10.11 6.48
CA ASP A 151 12.68 9.15 6.67
C ASP A 151 12.33 8.25 7.85
N ALA A 152 13.29 7.46 8.34
CA ALA A 152 12.97 6.55 9.43
C ALA A 152 12.62 7.29 10.71
N ASN A 153 13.16 8.50 10.90
CA ASN A 153 12.82 9.35 12.04
C ASN A 153 11.64 10.27 11.78
N LEU A 154 10.94 10.08 10.66
CA LEU A 154 9.73 10.83 10.29
C LEU A 154 9.98 12.31 10.07
N ASN A 155 11.18 12.66 9.62
CA ASN A 155 11.52 14.02 9.26
C ASN A 155 11.14 14.26 7.80
N ILE A 156 10.72 15.47 7.50
CA ILE A 156 10.28 15.74 6.15
C ILE A 156 11.45 15.74 5.18
N LYS A 157 11.18 15.26 3.96
CA LYS A 157 12.03 15.42 2.80
C LYS A 157 11.09 15.75 1.64
N ILE A 158 11.25 16.93 1.04
CA ILE A 158 10.45 17.26 -0.15
C ILE A 158 11.10 16.61 -1.35
N ALA A 159 10.27 16.19 -2.33
CA ALA A 159 10.79 15.43 -3.43
C ALA A 159 10.07 15.79 -4.73
N ASP A 160 10.58 15.25 -5.84
CA ASP A 160 10.01 15.35 -7.19
C ASP A 160 9.91 16.82 -7.65
N PHE A 161 11.08 17.36 -8.00
CA PHE A 161 11.14 18.69 -8.58
C PHE A 161 10.85 18.70 -10.08
N GLY A 162 10.01 17.80 -10.56
CA GLY A 162 9.73 17.78 -11.99
C GLY A 162 9.02 19.03 -12.48
N PHE A 163 8.09 19.55 -11.68
CA PHE A 163 7.39 20.77 -12.05
C PHE A 163 8.13 22.03 -11.61
N SER A 164 9.20 21.88 -10.83
CA SER A 164 9.97 23.03 -10.37
C SER A 164 10.58 23.77 -11.54
N ASN A 165 10.85 25.07 -11.32
CA ASN A 165 11.38 25.93 -12.37
C ASN A 165 12.18 27.05 -11.74
N LEU A 166 13.18 27.57 -12.46
CA LEU A 166 13.94 28.73 -11.99
C LEU A 166 13.17 30.01 -12.28
N PHE A 167 13.41 31.04 -11.47
CA PHE A 167 12.65 32.28 -11.60
C PHE A 167 13.48 33.43 -11.05
N THR A 168 13.13 34.66 -11.46
CA THR A 168 13.71 35.90 -10.95
C THR A 168 12.62 36.69 -10.23
N PRO A 169 12.90 37.36 -9.11
CA PRO A 169 11.79 38.00 -8.39
C PRO A 169 10.96 38.90 -9.31
N GLY A 170 9.64 38.67 -9.31
CA GLY A 170 8.71 39.40 -10.13
C GLY A 170 8.44 38.86 -11.53
N GLN A 171 9.02 37.72 -11.93
CA GLN A 171 8.61 37.15 -13.21
C GLN A 171 7.22 36.58 -13.11
N LEU A 172 6.60 36.46 -14.27
CA LEU A 172 5.31 35.80 -14.38
C LEU A 172 5.56 34.48 -15.10
N LEU A 173 4.78 33.47 -14.74
CA LEU A 173 4.92 32.17 -15.36
C LEU A 173 3.62 31.81 -16.07
N LYS A 174 3.73 31.07 -17.18
CA LYS A 174 2.57 30.80 -18.03
C LYS A 174 2.07 29.35 -18.01
N ASP A 175 2.91 28.40 -17.67
CA ASP A 175 2.56 26.99 -17.72
C ASP A 175 1.90 26.52 -16.41
N TRP A 176 0.89 25.67 -16.52
CA TRP A 176 0.24 25.11 -15.35
C TRP A 176 1.17 24.18 -14.57
N CYS A 177 0.94 24.07 -13.27
CA CYS A 177 1.75 23.20 -12.44
C CYS A 177 0.89 22.46 -11.41
N GLY A 178 1.29 21.21 -11.16
CA GLY A 178 0.94 20.54 -9.92
C GLY A 178 -0.44 19.92 -9.87
N SER A 179 -0.74 19.39 -8.70
CA SER A 179 -2.00 18.77 -8.35
C SER A 179 -3.05 19.85 -8.11
N PRO A 180 -4.28 19.67 -8.59
CA PRO A 180 -5.27 20.75 -8.56
C PRO A 180 -5.64 21.20 -7.16
N PRO A 181 -5.88 20.30 -6.18
CA PRO A 181 -6.30 20.77 -4.84
C PRO A 181 -5.30 21.70 -4.17
N TYR A 182 -4.01 21.55 -4.44
CA TYR A 182 -3.01 22.43 -3.87
C TYR A 182 -2.73 23.63 -4.76
N ALA A 183 -3.51 23.80 -5.82
CA ALA A 183 -3.29 24.88 -6.78
C ALA A 183 -3.94 26.17 -6.31
N ALA A 184 -3.19 27.27 -6.39
CA ALA A 184 -3.72 28.58 -6.04
C ALA A 184 -4.78 29.01 -7.06
N PRO A 185 -5.73 29.86 -6.65
CA PRO A 185 -6.87 30.16 -7.54
C PRO A 185 -6.47 30.71 -8.90
N GLU A 186 -5.29 31.35 -9.02
CA GLU A 186 -4.87 31.87 -10.32
C GLU A 186 -4.62 30.75 -11.32
N LEU A 187 -4.09 29.61 -10.86
CA LEU A 187 -3.84 28.53 -11.79
C LEU A 187 -5.13 28.04 -12.41
N PHE A 188 -6.19 27.90 -11.61
CA PHE A 188 -7.50 27.52 -12.13
C PHE A 188 -7.99 28.54 -13.15
N GLU A 189 -7.94 29.82 -12.78
CA GLU A 189 -8.33 30.90 -13.69
C GLU A 189 -7.42 30.95 -14.91
N GLY A 190 -6.17 30.52 -14.74
CA GLY A 190 -5.17 30.50 -15.80
C GLY A 190 -4.32 31.73 -15.89
N LYS A 191 -4.46 32.67 -14.96
CA LYS A 191 -3.66 33.87 -15.05
C LYS A 191 -2.19 33.54 -14.97
N GLU A 192 -1.36 34.48 -15.41
CA GLU A 192 0.05 34.41 -15.08
C GLU A 192 0.20 34.58 -13.57
N TYR A 193 1.31 34.10 -13.04
CA TYR A 193 1.42 34.07 -11.59
C TYR A 193 2.87 34.27 -11.18
N ASP A 194 3.05 34.84 -9.99
CA ASP A 194 4.35 34.89 -9.36
C ASP A 194 4.61 33.57 -8.66
N GLY A 195 5.80 33.01 -8.86
CA GLY A 195 6.11 31.69 -8.38
C GLY A 195 5.98 31.49 -6.88
N PRO A 196 6.74 32.23 -6.07
CA PRO A 196 6.68 32.00 -4.63
C PRO A 196 5.29 32.19 -4.02
N LYS A 197 4.49 33.14 -4.51
CA LYS A 197 3.14 33.29 -3.98
C LYS A 197 2.23 32.11 -4.33
N VAL A 198 2.52 31.37 -5.42
CA VAL A 198 1.71 30.18 -5.70
C VAL A 198 2.17 29.01 -4.81
N ASP A 199 3.47 28.90 -4.49
CA ASP A 199 3.92 27.93 -3.50
C ASP A 199 3.33 28.21 -2.12
N ILE A 200 3.17 29.49 -1.77
CA ILE A 200 2.65 29.85 -0.45
C ILE A 200 1.23 29.31 -0.29
N TRP A 201 0.41 29.48 -1.31
CA TRP A 201 -0.92 28.88 -1.25
C TRP A 201 -0.80 27.36 -1.11
N SER A 202 0.04 26.73 -1.92
CA SER A 202 0.21 25.29 -1.80
C SER A 202 0.69 24.94 -0.39
N LEU A 203 1.61 25.72 0.17
CA LEU A 203 2.02 25.53 1.56
C LEU A 203 0.84 25.77 2.53
N GLY A 204 -0.12 26.61 2.15
CA GLY A 204 -1.30 26.77 2.98
C GLY A 204 -2.15 25.52 3.05
N VAL A 205 -2.45 24.93 1.89
CA VAL A 205 -3.23 23.70 1.85
C VAL A 205 -2.49 22.61 2.62
N VAL A 206 -1.16 22.61 2.57
CA VAL A 206 -0.36 21.65 3.34
C VAL A 206 -0.60 21.79 4.84
N LEU A 207 -0.50 23.02 5.36
CA LEU A 207 -0.66 23.19 6.80
C LEU A 207 -2.02 22.71 7.25
N TYR A 208 -3.08 23.03 6.50
CA TYR A 208 -4.42 22.59 6.84
C TYR A 208 -4.50 21.07 6.90
N VAL A 209 -3.88 20.38 5.93
CA VAL A 209 -3.88 18.92 5.93
C VAL A 209 -3.22 18.38 7.19
N LEU A 210 -2.09 18.98 7.59
CA LEU A 210 -1.36 18.50 8.75
C LEU A 210 -2.17 18.58 10.04
N VAL A 211 -2.76 19.76 10.33
CA VAL A 211 -3.42 19.93 11.62
C VAL A 211 -4.82 19.33 11.61
N CYS A 212 -5.56 19.44 10.50
CA CYS A 212 -6.94 18.97 10.45
C CYS A 212 -7.13 17.56 9.90
N GLY A 213 -6.18 17.02 9.15
CA GLY A 213 -6.44 15.75 8.48
C GLY A 213 -7.54 15.80 7.44
N ALA A 214 -7.64 16.91 6.72
CA ALA A 214 -8.67 17.02 5.70
C ALA A 214 -8.22 17.97 4.61
N LEU A 215 -9.00 18.00 3.54
CA LEU A 215 -8.58 18.98 2.55
C LEU A 215 -9.41 20.24 2.72
N PRO A 216 -8.86 21.44 2.52
CA PRO A 216 -9.73 22.62 2.57
C PRO A 216 -10.72 22.68 1.42
N PHE A 217 -10.28 22.33 0.21
CA PHE A 217 -11.11 22.38 -0.99
C PHE A 217 -11.08 21.00 -1.62
N ASP A 218 -12.26 20.49 -2.00
CA ASP A 218 -12.35 19.17 -2.59
C ASP A 218 -13.66 19.11 -3.36
N GLY A 219 -13.71 18.28 -4.40
CA GLY A 219 -14.93 18.14 -5.20
C GLY A 219 -14.97 16.85 -5.96
N SER A 220 -16.19 16.41 -6.28
CA SER A 220 -16.37 15.16 -7.04
C SER A 220 -15.79 15.28 -8.45
N THR A 221 -15.98 16.42 -9.10
CA THR A 221 -15.43 16.67 -10.44
C THR A 221 -14.52 17.87 -10.37
N LEU A 222 -13.72 18.06 -11.41
CA LEU A 222 -12.84 19.22 -11.44
C LEU A 222 -13.61 20.52 -11.35
N GLN A 223 -14.78 20.59 -12.00
CA GLN A 223 -15.55 21.83 -11.94
C GLN A 223 -15.94 22.15 -10.50
N ASN A 224 -16.40 21.14 -9.76
CA ASN A 224 -16.82 21.33 -8.38
C ASN A 224 -15.66 21.80 -7.51
N LEU A 225 -14.53 21.09 -7.56
CA LEU A 225 -13.35 21.55 -6.82
C LEU A 225 -13.01 22.98 -7.21
N ARG A 226 -13.05 23.27 -8.52
CA ARG A 226 -12.76 24.60 -9.02
C ARG A 226 -13.68 25.64 -8.38
N ALA A 227 -14.97 25.30 -8.23
CA ALA A 227 -15.87 26.20 -7.52
C ALA A 227 -15.38 26.44 -6.10
N ARG A 228 -14.97 25.36 -5.43
CA ARG A 228 -14.60 25.47 -4.01
C ARG A 228 -13.32 26.28 -3.84
N VAL A 229 -12.35 26.12 -4.74
CA VAL A 229 -11.11 26.88 -4.61
C VAL A 229 -11.39 28.37 -4.78
N LEU A 230 -12.22 28.72 -5.77
CA LEU A 230 -12.49 30.13 -6.04
C LEU A 230 -13.27 30.79 -4.90
N SER A 231 -14.14 30.04 -4.21
CA SER A 231 -14.91 30.61 -3.11
C SER A 231 -14.03 31.11 -1.98
N GLY A 232 -12.82 30.57 -1.85
CA GLY A 232 -11.90 30.96 -0.78
C GLY A 232 -12.42 30.66 0.61
N LYS A 233 -13.44 29.82 0.70
CA LYS A 233 -14.11 29.48 1.95
C LYS A 233 -13.77 28.03 2.33
N PHE A 234 -13.63 27.78 3.63
CA PHE A 234 -13.36 26.42 4.09
C PHE A 234 -13.76 26.27 5.54
N ARG A 235 -13.93 25.02 5.93
CA ARG A 235 -14.25 24.67 7.31
C ARG A 235 -13.01 24.86 8.20
N ILE A 236 -13.24 25.27 9.45
CA ILE A 236 -12.18 25.28 10.45
C ILE A 236 -12.62 24.45 11.64
N PRO A 237 -11.98 23.32 11.95
CA PRO A 237 -12.48 22.49 13.05
C PRO A 237 -12.24 23.20 14.37
N PHE A 238 -13.01 22.81 15.37
CA PHE A 238 -13.00 23.56 16.62
C PHE A 238 -11.68 23.40 17.36
N PHE A 239 -10.98 22.30 17.16
CA PHE A 239 -9.77 22.07 17.97
C PHE A 239 -8.60 22.95 17.59
N MET A 240 -8.64 23.65 16.46
CA MET A 240 -7.50 24.43 16.02
C MET A 240 -7.33 25.73 16.82
N SER A 241 -6.08 26.04 17.17
CA SER A 241 -5.81 27.28 17.88
C SER A 241 -6.10 28.49 16.99
N THR A 242 -6.47 29.59 17.64
CA THR A 242 -6.73 30.83 16.92
C THR A 242 -5.48 31.35 16.21
N GLU A 243 -4.29 31.10 16.78
CA GLU A 243 -3.06 31.52 16.10
C GLU A 243 -2.87 30.72 14.82
N CYS A 244 -3.09 29.41 14.87
CA CYS A 244 -3.02 28.63 13.64
C CYS A 244 -4.06 29.07 12.62
N GLU A 245 -5.33 29.23 13.04
CA GLU A 245 -6.34 29.69 12.08
C GLU A 245 -5.93 31.02 11.47
N HIS A 246 -5.33 31.91 12.27
CA HIS A 246 -4.86 33.16 11.71
C HIS A 246 -3.84 32.89 10.61
N LEU A 247 -2.85 32.03 10.90
CA LEU A 247 -1.79 31.74 9.92
C LEU A 247 -2.37 31.20 8.62
N ILE A 248 -3.17 30.13 8.70
CA ILE A 248 -3.74 29.48 7.53
C ILE A 248 -4.68 30.44 6.81
N ARG A 249 -5.57 31.11 7.57
CA ARG A 249 -6.54 32.00 6.94
C ARG A 249 -5.85 33.12 6.16
N HIS A 250 -4.68 33.55 6.62
CA HIS A 250 -3.91 34.57 5.90
C HIS A 250 -2.99 34.00 4.81
N MET A 251 -2.63 32.71 4.87
CA MET A 251 -1.91 32.10 3.74
C MET A 251 -2.84 31.83 2.57
N LEU A 252 -4.01 31.26 2.84
CA LEU A 252 -4.96 30.88 1.78
C LEU A 252 -5.88 32.05 1.43
N VAL A 253 -5.29 33.09 0.85
CA VAL A 253 -6.04 34.29 0.53
C VAL A 253 -6.05 34.45 -0.99
N LEU A 254 -7.24 34.75 -1.53
CA LEU A 254 -7.45 34.73 -2.97
C LEU A 254 -6.58 35.75 -3.69
N ASP A 255 -6.33 36.90 -3.07
CA ASP A 255 -5.46 37.88 -3.69
C ASP A 255 -4.01 37.45 -3.52
N PRO A 256 -3.29 37.17 -4.60
CA PRO A 256 -1.91 36.69 -4.44
C PRO A 256 -1.03 37.62 -3.62
N ASN A 257 -1.20 38.93 -3.74
CA ASN A 257 -0.35 39.85 -2.99
C ASN A 257 -0.74 39.90 -1.51
N LYS A 258 -2.03 39.71 -1.18
CA LYS A 258 -2.50 39.66 0.20
C LYS A 258 -1.98 38.44 0.96
N ARG A 259 -1.35 37.48 0.27
CA ARG A 259 -0.74 36.36 0.96
C ARG A 259 0.52 36.84 1.66
N LEU A 260 0.80 36.23 2.80
CA LEU A 260 2.03 36.53 3.53
C LEU A 260 3.26 36.14 2.70
N SER A 261 4.36 36.83 2.97
CA SER A 261 5.66 36.40 2.46
C SER A 261 6.23 35.26 3.32
N MET A 262 7.23 34.57 2.77
CA MET A 262 7.86 33.50 3.54
C MET A 262 8.56 34.05 4.80
N GLU A 263 9.05 35.30 4.75
CA GLU A 263 9.78 35.81 5.91
C GLU A 263 8.89 35.94 7.13
N GLN A 264 7.69 36.57 7.00
CA GLN A 264 6.86 36.69 8.21
C GLN A 264 6.13 35.41 8.59
N ILE A 265 6.00 34.43 7.68
CA ILE A 265 5.49 33.11 8.10
C ILE A 265 6.41 32.52 9.17
N CYS A 266 7.73 32.70 9.03
CA CYS A 266 8.67 32.21 10.01
C CYS A 266 8.55 32.95 11.33
N LYS A 267 8.11 34.22 11.30
CA LYS A 267 7.93 35.02 12.50
C LYS A 267 6.53 34.90 13.09
N HIS A 268 5.61 34.21 12.42
CA HIS A 268 4.21 34.19 12.84
C HIS A 268 4.06 33.62 14.24
N LYS A 269 3.10 34.19 14.99
CA LYS A 269 2.97 33.86 16.40
C LYS A 269 2.82 32.36 16.61
N TRP A 270 2.11 31.70 15.68
CA TRP A 270 1.93 30.26 15.79
C TRP A 270 3.25 29.52 15.72
N MET A 271 4.17 30.00 14.87
CA MET A 271 5.48 29.36 14.73
C MET A 271 6.31 29.52 15.99
N LYS A 272 6.18 30.68 16.65
CA LYS A 272 6.96 31.00 17.83
C LYS A 272 6.44 30.30 19.07
N LEU A 273 5.20 29.81 19.04
CA LEU A 273 4.59 29.06 20.13
C LEU A 273 5.45 27.85 20.52
N GLY A 274 5.19 27.33 21.71
CA GLY A 274 5.92 26.18 22.21
C GLY A 274 7.32 26.60 22.64
N ASP A 275 8.15 25.61 22.94
CA ASP A 275 9.53 25.93 23.32
C ASP A 275 10.19 26.69 22.17
N ALA A 276 11.05 27.64 22.52
CA ALA A 276 11.70 28.44 21.49
C ALA A 276 12.66 27.56 20.70
N ASP A 277 12.77 27.84 19.40
CA ASP A 277 13.52 26.97 18.50
C ASP A 277 14.72 27.73 17.94
N PRO A 278 15.92 27.52 18.49
CA PRO A 278 17.09 28.19 17.91
C PRO A 278 17.50 27.57 16.59
N ASN A 279 17.49 26.24 16.50
CA ASN A 279 17.90 25.57 15.27
C ASN A 279 17.05 26.03 14.09
N PHE A 280 15.76 26.28 14.32
CA PHE A 280 14.91 26.74 13.22
C PHE A 280 15.37 28.09 12.72
N ASP A 281 15.52 29.06 13.63
CA ASP A 281 15.93 30.40 13.22
C ASP A 281 17.30 30.38 12.53
N ARG A 282 18.16 29.42 12.91
CA ARG A 282 19.47 29.27 12.27
C ARG A 282 19.34 28.87 10.81
N LEU A 283 18.60 27.80 10.54
CA LEU A 283 18.42 27.38 9.15
C LEU A 283 17.78 28.48 8.32
N ILE A 284 16.89 29.28 8.91
CA ILE A 284 16.30 30.39 8.18
C ILE A 284 17.33 31.47 7.89
N ALA A 285 18.22 31.75 8.85
CA ALA A 285 19.26 32.73 8.58
C ALA A 285 20.21 32.26 7.49
N GLU A 286 20.55 30.96 7.50
CA GLU A 286 21.48 30.40 6.53
C GLU A 286 20.99 30.57 5.09
N CYS A 287 19.65 30.67 4.91
CA CYS A 287 19.11 30.73 3.55
C CYS A 287 19.49 32.02 2.82
N GLN A 288 19.72 33.13 3.53
CA GLN A 288 20.07 34.39 2.87
C GLN A 288 21.51 34.39 2.33
N GLN A 289 22.40 33.61 2.92
CA GLN A 289 23.82 33.60 2.54
C GLN A 289 24.12 33.01 1.15
N PRO A 298 33.99 19.23 5.57
CA PRO A 298 35.12 19.51 4.68
C PRO A 298 36.19 18.43 4.65
N LEU A 299 36.19 17.58 3.62
CA LEU A 299 37.16 16.50 3.44
C LEU A 299 37.14 15.49 4.59
N ASN A 300 36.08 14.68 4.56
CA ASN A 300 35.92 13.57 5.49
C ASN A 300 37.00 12.51 5.19
N GLU A 301 38.18 12.67 5.79
CA GLU A 301 39.31 11.81 5.47
C GLU A 301 39.11 10.36 5.88
N ASP A 302 38.21 10.08 6.82
CA ASP A 302 37.93 8.68 7.19
C ASP A 302 37.34 7.92 6.00
N VAL A 303 36.32 8.52 5.37
CA VAL A 303 35.70 7.96 4.17
C VAL A 303 36.71 7.93 3.03
N LEU A 304 37.53 8.98 2.90
CA LEU A 304 38.54 8.99 1.86
C LEU A 304 39.48 7.82 2.00
N LEU A 305 39.89 7.51 3.22
CA LEU A 305 40.81 6.39 3.40
C LEU A 305 40.11 5.07 3.09
N ALA A 306 38.84 4.95 3.50
CA ALA A 306 38.07 3.76 3.21
C ALA A 306 37.92 3.53 1.72
N MET A 307 37.56 4.57 0.96
CA MET A 307 37.44 4.41 -0.49
C MET A 307 38.75 4.02 -1.14
N GLU A 308 39.87 4.55 -0.65
CA GLU A 308 41.14 4.12 -1.21
C GLU A 308 41.39 2.63 -0.99
N ASP A 309 41.04 2.13 0.20
CA ASP A 309 41.27 0.72 0.49
C ASP A 309 40.47 -0.18 -0.44
N MET A 310 39.24 0.21 -0.76
CA MET A 310 38.45 -0.49 -1.76
C MET A 310 39.00 -0.31 -3.16
N GLY A 311 40.15 0.34 -3.30
CA GLY A 311 40.79 0.47 -4.58
C GLY A 311 40.32 1.64 -5.41
N LEU A 312 39.42 2.46 -4.89
CA LEU A 312 39.02 3.62 -5.64
C LEU A 312 40.15 4.64 -5.61
N ASP A 313 40.35 5.29 -6.74
CA ASP A 313 41.54 6.12 -6.92
C ASP A 313 41.42 7.37 -6.04
N LYS A 314 42.41 7.59 -5.17
CA LYS A 314 42.35 8.76 -4.29
C LYS A 314 42.31 10.06 -5.09
N GLU A 315 43.12 10.15 -6.14
CA GLU A 315 43.14 11.38 -6.93
C GLU A 315 41.81 11.58 -7.66
N GLN A 316 41.27 10.51 -8.26
CA GLN A 316 40.05 10.66 -9.05
C GLN A 316 38.87 11.04 -8.17
N THR A 317 38.83 10.47 -6.96
CA THR A 317 37.80 10.83 -5.99
C THR A 317 37.79 12.33 -5.74
N LEU A 318 38.97 12.90 -5.46
CA LEU A 318 39.03 14.34 -5.22
C LEU A 318 38.60 15.11 -6.44
N GLN A 319 38.96 14.64 -7.63
CA GLN A 319 38.57 15.34 -8.86
C GLN A 319 37.05 15.32 -9.05
N SER A 320 36.40 14.19 -8.77
CA SER A 320 34.94 14.09 -8.90
C SER A 320 34.23 15.03 -7.95
N LEU A 321 34.74 15.15 -6.72
CA LEU A 321 34.11 16.02 -5.73
C LEU A 321 34.29 17.48 -6.09
N ARG A 322 35.53 17.90 -6.39
CA ARG A 322 35.75 19.29 -6.76
C ARG A 322 35.01 19.64 -8.04
N SER A 323 35.09 18.77 -9.06
CA SER A 323 34.37 19.06 -10.30
C SER A 323 32.87 19.00 -10.11
N ASP A 324 32.37 18.35 -9.05
CA ASP A 324 30.95 18.33 -8.71
C ASP A 324 30.14 17.62 -9.78
N ALA A 325 30.75 16.67 -10.47
CA ALA A 325 30.05 15.78 -11.39
C ALA A 325 29.63 14.57 -10.58
N TYR A 326 28.32 14.31 -10.55
CA TYR A 326 27.73 13.31 -9.67
C TYR A 326 27.91 11.96 -10.36
N ASP A 327 29.06 11.36 -10.12
CA ASP A 327 29.46 10.14 -10.79
C ASP A 327 29.72 9.03 -9.79
N HIS A 328 30.23 7.93 -10.33
CA HIS A 328 30.47 6.75 -9.53
C HIS A 328 31.36 7.06 -8.32
N TYR A 329 32.26 8.03 -8.45
CA TYR A 329 33.15 8.43 -7.36
C TYR A 329 32.49 9.35 -6.33
N SER A 330 31.82 10.41 -6.77
CA SER A 330 31.25 11.35 -5.81
C SER A 330 30.13 10.70 -5.00
N ALA A 331 29.33 9.84 -5.64
CA ALA A 331 28.22 9.23 -4.91
C ALA A 331 28.73 8.33 -3.79
N ILE A 332 29.76 7.53 -4.05
CA ILE A 332 30.26 6.67 -2.97
C ILE A 332 30.81 7.50 -1.82
N TYR A 333 31.46 8.63 -2.13
CA TYR A 333 31.90 9.50 -1.04
C TYR A 333 30.69 10.02 -0.27
N SER A 334 29.68 10.54 -0.98
CA SER A 334 28.51 11.07 -0.27
C SER A 334 27.83 10.00 0.55
N LEU A 335 27.68 8.80 -0.02
CA LEU A 335 26.97 7.74 0.70
C LEU A 335 27.76 7.28 1.92
N LEU A 336 29.06 7.01 1.73
CA LEU A 336 29.87 6.60 2.87
C LEU A 336 29.90 7.70 3.92
N CYS A 337 29.73 8.96 3.49
CA CYS A 337 29.67 10.08 4.42
C CYS A 337 28.38 10.07 5.23
N ASP A 338 27.24 9.83 4.57
CA ASP A 338 25.98 9.74 5.30
C ASP A 338 25.98 8.56 6.24
N ARG A 339 26.64 7.46 5.85
CA ARG A 339 26.76 6.29 6.72
C ARG A 339 27.67 6.62 7.91
N HIS A 340 28.70 7.42 7.67
CA HIS A 340 29.67 7.78 8.71
C HIS A 340 29.05 8.66 9.78
N LYS A 341 28.08 9.51 9.43
CA LYS A 341 27.33 10.25 10.45
C LYS A 341 26.51 9.30 11.33
N ARG A 342 25.94 8.26 10.73
CA ARG A 342 25.13 7.30 11.49
C ARG A 342 25.96 6.49 12.49
N HIS A 343 27.28 6.61 12.44
CA HIS A 343 28.21 5.85 13.30
C HIS A 343 28.20 4.36 12.95
N LYS A 344 28.01 4.03 11.68
CA LYS A 344 28.15 2.65 11.20
C LYS A 344 29.55 2.47 10.61
N THR A 345 29.91 1.21 10.28
CA THR A 345 31.26 0.88 9.81
C THR A 345 31.61 1.52 8.47
N LEU A 346 32.83 1.29 7.96
CA LEU A 346 33.16 1.70 6.60
C LEU A 346 33.98 0.66 5.83
N GLY B 12 -13.47 2.88 -6.67
CA GLY B 12 -12.84 3.43 -5.48
C GLY B 12 -13.57 4.58 -4.77
N SER B 13 -13.08 5.01 -3.60
CA SER B 13 -13.68 6.10 -2.84
C SER B 13 -12.64 6.71 -1.89
N PRO B 14 -12.72 8.03 -1.61
CA PRO B 14 -11.60 8.72 -0.91
C PRO B 14 -11.38 8.27 0.52
N ALA B 15 -10.10 8.19 0.90
CA ALA B 15 -9.69 7.81 2.25
C ALA B 15 -9.75 9.00 3.19
N ARG B 16 -9.88 8.70 4.48
CA ARG B 16 -10.06 9.74 5.49
C ARG B 16 -9.10 9.54 6.64
N ILE B 17 -8.61 10.66 7.17
CA ILE B 17 -7.64 10.62 8.25
C ILE B 17 -8.39 10.52 9.57
N GLY B 18 -7.81 9.78 10.50
CA GLY B 18 -8.40 9.53 11.79
C GLY B 18 -9.73 8.79 11.73
N TYR B 19 -9.74 7.65 11.05
CA TYR B 19 -10.82 6.71 11.23
C TYR B 19 -10.30 5.35 11.63
N TYR B 20 -9.04 5.04 11.33
CA TYR B 20 -8.43 3.80 11.77
C TYR B 20 -7.06 4.12 12.36
N GLU B 21 -6.57 3.24 13.23
CA GLU B 21 -5.21 3.33 13.72
C GLU B 21 -4.52 2.00 13.45
N ILE B 22 -3.67 1.99 12.42
CA ILE B 22 -2.94 0.81 11.98
C ILE B 22 -1.81 0.47 12.95
N ASP B 23 -1.70 -0.79 13.34
CA ASP B 23 -0.68 -1.12 14.32
C ASP B 23 0.40 -2.07 13.80
N ARG B 24 0.10 -3.29 13.35
CA ARG B 24 1.16 -4.27 13.20
C ARG B 24 0.93 -5.08 11.93
N THR B 25 2.01 -5.52 11.31
CA THR B 25 1.86 -6.33 10.10
C THR B 25 1.37 -7.71 10.47
N ILE B 26 0.38 -8.22 9.74
CA ILE B 26 -0.13 -9.58 9.94
C ILE B 26 -0.06 -10.44 8.69
N GLY B 27 0.37 -9.89 7.56
CA GLY B 27 0.58 -10.66 6.34
C GLY B 27 1.31 -9.85 5.29
N LYS B 28 1.93 -10.55 4.36
CA LYS B 28 2.59 -9.90 3.24
C LYS B 28 2.10 -10.58 1.97
N GLY B 29 1.83 -9.78 0.95
CA GLY B 29 1.24 -10.30 -0.27
C GLY B 29 2.14 -9.90 -1.41
N ASN B 30 1.74 -10.14 -2.65
CA ASN B 30 2.59 -9.72 -3.76
C ASN B 30 2.85 -8.23 -3.75
N PHE B 31 1.79 -7.44 -3.78
CA PHE B 31 1.91 -5.99 -3.85
C PHE B 31 1.21 -5.37 -2.67
N ALA B 32 1.00 -6.15 -1.61
CA ALA B 32 0.24 -5.66 -0.49
C ALA B 32 0.87 -6.10 0.83
N VAL B 33 0.47 -5.37 1.87
CA VAL B 33 0.73 -5.66 3.27
C VAL B 33 -0.61 -5.66 3.96
N VAL B 34 -0.83 -6.63 4.86
CA VAL B 34 -2.03 -6.64 5.69
C VAL B 34 -1.62 -6.30 7.12
N LYS B 35 -2.28 -5.31 7.66
CA LYS B 35 -1.97 -4.78 8.96
C LYS B 35 -3.21 -4.79 9.82
N ARG B 36 -3.01 -5.15 11.08
CA ARG B 36 -4.09 -5.09 12.04
C ARG B 36 -4.32 -3.63 12.42
N ALA B 37 -5.59 -3.22 12.47
CA ALA B 37 -5.94 -1.85 12.77
C ALA B 37 -7.23 -1.83 13.57
N THR B 38 -7.48 -0.71 14.26
CA THR B 38 -8.67 -0.61 15.10
C THR B 38 -9.55 0.54 14.57
N HIS B 39 -10.85 0.29 14.47
CA HIS B 39 -11.80 1.30 14.02
C HIS B 39 -12.03 2.30 15.13
N LEU B 40 -11.64 3.57 14.90
CA LEU B 40 -11.64 4.55 15.99
C LEU B 40 -13.03 4.75 16.61
N VAL B 41 -14.08 4.82 15.79
CA VAL B 41 -15.41 5.08 16.34
C VAL B 41 -15.90 3.93 17.21
N THR B 42 -15.83 2.69 16.71
CA THR B 42 -16.41 1.55 17.39
C THR B 42 -15.39 0.76 18.23
N LYS B 43 -14.11 1.15 18.24
CA LYS B 43 -13.04 0.48 18.99
C LYS B 43 -12.80 -0.94 18.49
N ALA B 44 -13.44 -1.32 17.38
CA ALA B 44 -13.33 -2.64 16.81
C ALA B 44 -11.91 -2.91 16.29
N LYS B 45 -11.54 -4.19 16.22
CA LYS B 45 -10.29 -4.58 15.56
C LYS B 45 -10.62 -5.09 14.17
N VAL B 46 -9.83 -4.64 13.17
CA VAL B 46 -10.06 -5.01 11.78
C VAL B 46 -8.71 -5.27 11.12
N ALA B 47 -8.75 -5.98 10.00
CA ALA B 47 -7.55 -6.15 9.18
C ALA B 47 -7.68 -5.23 7.97
N ILE B 48 -6.56 -4.67 7.54
CA ILE B 48 -6.52 -3.80 6.36
C ILE B 48 -5.46 -4.28 5.40
N LYS B 49 -5.86 -4.64 4.18
CA LYS B 49 -4.87 -4.94 3.17
C LYS B 49 -4.54 -3.61 2.48
N ILE B 50 -3.27 -3.27 2.43
CA ILE B 50 -2.81 -1.99 1.91
C ILE B 50 -2.01 -2.27 0.65
N ILE B 51 -2.43 -1.70 -0.47
CA ILE B 51 -1.83 -1.98 -1.76
C ILE B 51 -1.26 -0.68 -2.31
N ASP B 52 -0.02 -0.77 -2.82
CA ASP B 52 0.67 0.38 -3.39
C ASP B 52 0.37 0.38 -4.89
N LYS B 53 -0.44 1.35 -5.34
CA LYS B 53 -0.83 1.38 -6.75
C LYS B 53 0.35 1.69 -7.68
N THR B 54 1.42 2.29 -7.18
CA THR B 54 2.56 2.53 -8.07
C THR B 54 3.14 1.21 -8.56
N GLN B 55 2.91 0.12 -7.84
CA GLN B 55 3.46 -1.18 -8.19
C GLN B 55 2.55 -1.97 -9.12
N LEU B 56 1.47 -1.38 -9.61
CA LEU B 56 0.52 -2.12 -10.41
C LEU B 56 0.53 -1.63 -11.84
N ASP B 57 0.63 -2.55 -12.79
CA ASP B 57 0.35 -2.21 -14.18
C ASP B 57 -1.16 -2.14 -14.35
N GLU B 58 -1.60 -1.84 -15.56
CA GLU B 58 -3.04 -1.74 -15.80
C GLU B 58 -3.76 -3.07 -15.56
N GLU B 59 -3.07 -4.19 -15.82
CA GLU B 59 -3.69 -5.50 -15.62
C GLU B 59 -3.89 -5.81 -14.14
N ASN B 60 -2.85 -5.61 -13.32
CA ASN B 60 -2.97 -5.85 -11.89
C ASN B 60 -4.00 -4.96 -11.25
N LEU B 61 -4.15 -3.72 -11.73
CA LEU B 61 -5.18 -2.83 -11.16
C LEU B 61 -6.58 -3.40 -11.38
N LYS B 62 -6.85 -3.90 -12.58
CA LYS B 62 -8.14 -4.54 -12.82
C LYS B 62 -8.29 -5.79 -11.98
N LYS B 63 -7.20 -6.51 -11.73
CA LYS B 63 -7.30 -7.75 -10.98
C LYS B 63 -7.86 -7.51 -9.59
N ILE B 64 -7.37 -6.48 -8.88
CA ILE B 64 -7.90 -6.25 -7.54
C ILE B 64 -9.32 -5.71 -7.62
N PHE B 65 -9.65 -4.94 -8.65
CA PHE B 65 -11.03 -4.50 -8.82
C PHE B 65 -11.98 -5.69 -8.93
N ARG B 66 -11.56 -6.74 -9.66
CA ARG B 66 -12.30 -7.99 -9.71
C ARG B 66 -12.40 -8.64 -8.34
N GLU B 67 -11.29 -8.65 -7.60
CA GLU B 67 -11.29 -9.16 -6.24
C GLU B 67 -12.24 -8.37 -5.37
N VAL B 68 -12.18 -7.04 -5.46
CA VAL B 68 -13.07 -6.22 -4.65
C VAL B 68 -14.53 -6.46 -5.04
N GLN B 69 -14.78 -6.61 -6.34
CA GLN B 69 -16.14 -6.88 -6.76
C GLN B 69 -16.64 -8.22 -6.23
N ILE B 70 -15.76 -9.24 -6.25
CA ILE B 70 -16.13 -10.55 -5.72
C ILE B 70 -16.36 -10.51 -4.21
N MET B 71 -15.56 -9.76 -3.46
CA MET B 71 -15.80 -9.76 -2.02
C MET B 71 -17.18 -9.16 -1.68
N LYS B 72 -17.66 -8.23 -2.50
CA LYS B 72 -18.99 -7.65 -2.29
C LYS B 72 -20.08 -8.70 -2.41
N MET B 73 -19.84 -9.72 -3.24
CA MET B 73 -20.87 -10.74 -3.49
C MET B 73 -21.05 -11.68 -2.30
N LEU B 74 -20.03 -11.85 -1.46
CA LEU B 74 -20.06 -12.86 -0.41
C LEU B 74 -20.30 -12.24 0.97
N CYS B 75 -21.44 -12.55 1.56
CA CYS B 75 -21.65 -12.34 3.01
C CYS B 75 -21.95 -13.68 3.67
N HIS B 76 -20.96 -14.27 4.35
CA HIS B 76 -21.07 -15.65 4.83
C HIS B 76 -20.24 -15.84 6.09
N PRO B 77 -20.71 -16.62 7.06
CA PRO B 77 -19.99 -16.74 8.36
C PRO B 77 -18.62 -17.40 8.29
N HIS B 78 -18.29 -18.13 7.22
CA HIS B 78 -16.95 -18.69 7.08
C HIS B 78 -16.15 -18.05 5.97
N ILE B 79 -16.57 -16.89 5.47
CA ILE B 79 -15.84 -16.10 4.50
C ILE B 79 -15.55 -14.75 5.12
N ILE B 80 -14.31 -14.27 4.98
CA ILE B 80 -13.90 -12.99 5.55
C ILE B 80 -14.79 -11.88 4.99
N ARG B 81 -15.15 -10.93 5.82
CA ARG B 81 -16.12 -9.93 5.39
C ARG B 81 -15.39 -8.63 5.08
N LEU B 82 -15.66 -8.06 3.91
CA LEU B 82 -15.09 -6.77 3.54
C LEU B 82 -16.00 -5.69 4.11
N TYR B 83 -15.42 -4.80 4.93
CA TYR B 83 -16.17 -3.74 5.58
C TYR B 83 -16.18 -2.42 4.80
N GLN B 84 -15.02 -1.91 4.39
CA GLN B 84 -14.91 -0.63 3.70
C GLN B 84 -13.72 -0.67 2.78
N VAL B 85 -13.86 0.05 1.66
CA VAL B 85 -12.82 0.22 0.64
C VAL B 85 -12.46 1.69 0.56
N MET B 86 -11.17 1.99 0.70
CA MET B 86 -10.63 3.35 0.67
C MET B 86 -9.49 3.41 -0.32
N GLU B 87 -9.33 4.57 -0.96
CA GLU B 87 -8.29 4.77 -1.94
C GLU B 87 -7.63 6.13 -1.69
N THR B 88 -6.31 6.20 -1.87
CA THR B 88 -5.58 7.48 -1.90
C THR B 88 -4.77 7.52 -3.18
N GLU B 89 -3.98 8.58 -3.32
CA GLU B 89 -3.20 8.75 -4.54
C GLU B 89 -2.36 7.53 -4.84
N ARG B 90 -1.77 6.94 -3.81
CA ARG B 90 -0.78 5.91 -4.06
C ARG B 90 -1.21 4.55 -3.52
N MET B 91 -2.20 4.52 -2.63
CA MET B 91 -2.57 3.34 -1.85
C MET B 91 -4.03 2.92 -2.05
N ILE B 92 -4.27 1.63 -1.91
CA ILE B 92 -5.62 1.08 -1.88
C ILE B 92 -5.78 0.36 -0.56
N TYR B 93 -6.91 0.58 0.07
CA TYR B 93 -7.19 0.04 1.39
C TYR B 93 -8.39 -0.90 1.28
N LEU B 94 -8.20 -2.14 1.69
CA LEU B 94 -9.31 -3.06 1.91
C LEU B 94 -9.38 -3.32 3.40
N VAL B 95 -10.48 -2.90 4.02
CA VAL B 95 -10.71 -3.12 5.45
C VAL B 95 -11.64 -4.31 5.58
N THR B 96 -11.15 -5.38 6.19
CA THR B 96 -11.91 -6.61 6.30
C THR B 96 -11.96 -7.04 7.76
N GLU B 97 -12.78 -8.06 7.97
CA GLU B 97 -12.97 -8.70 9.26
C GLU B 97 -11.63 -9.20 9.81
N TYR B 98 -11.42 -9.05 11.10
CA TYR B 98 -10.17 -9.50 11.72
C TYR B 98 -10.41 -10.85 12.41
N ALA B 99 -9.55 -11.83 12.11
CA ALA B 99 -9.72 -13.19 12.64
C ALA B 99 -8.70 -13.38 13.76
N SER B 100 -9.18 -13.42 15.02
CA SER B 100 -8.29 -13.45 16.18
C SER B 100 -7.41 -14.71 16.21
N GLY B 101 -7.94 -15.86 15.77
CA GLY B 101 -7.18 -17.11 15.82
C GLY B 101 -6.00 -17.12 14.86
N GLY B 102 -6.15 -16.47 13.71
CA GLY B 102 -5.06 -16.39 12.75
C GLY B 102 -5.04 -17.51 11.74
N GLU B 103 -3.88 -17.63 11.09
CA GLU B 103 -3.70 -18.65 10.07
C GLU B 103 -3.82 -20.04 10.64
N ILE B 104 -4.44 -20.93 9.87
CA ILE B 104 -4.40 -22.36 10.18
C ILE B 104 -2.98 -22.85 10.13
N PHE B 105 -2.22 -22.31 9.16
CA PHE B 105 -0.82 -22.70 9.00
C PHE B 105 -0.06 -22.43 10.28
N ASP B 106 -0.28 -21.26 10.87
CA ASP B 106 0.41 -20.95 12.11
C ASP B 106 0.06 -21.98 13.16
N HIS B 107 -1.25 -22.27 13.29
CA HIS B 107 -1.72 -23.25 14.27
C HIS B 107 -1.10 -24.61 14.00
N LEU B 108 -1.01 -25.01 12.72
CA LEU B 108 -0.40 -26.30 12.41
C LEU B 108 1.06 -26.35 12.82
N VAL B 109 1.81 -25.26 12.61
CA VAL B 109 3.20 -25.21 13.06
C VAL B 109 3.29 -25.32 14.57
N ALA B 110 2.43 -24.58 15.27
CA ALA B 110 2.55 -24.51 16.72
C ALA B 110 2.17 -25.83 17.37
N HIS B 111 1.11 -26.47 16.86
CA HIS B 111 0.51 -27.62 17.53
C HIS B 111 0.58 -28.90 16.76
N GLY B 112 1.09 -28.92 15.55
CA GLY B 112 1.16 -30.19 14.84
C GLY B 112 -0.14 -30.53 14.14
N ARG B 113 -0.19 -31.76 13.59
CA ARG B 113 -1.36 -32.18 12.83
C ARG B 113 -2.61 -32.16 13.70
N MET B 114 -3.76 -32.08 13.06
CA MET B 114 -5.04 -32.04 13.75
C MET B 114 -5.65 -33.43 13.83
N ALA B 115 -6.21 -33.79 14.99
CA ALA B 115 -6.96 -35.03 15.06
C ALA B 115 -8.17 -34.94 14.15
N GLU B 116 -8.51 -36.07 13.51
CA GLU B 116 -9.54 -36.08 12.46
C GLU B 116 -10.85 -35.55 12.98
N LYS B 117 -11.10 -35.67 14.29
CA LYS B 117 -12.32 -35.11 14.85
C LYS B 117 -12.37 -33.61 14.60
N GLU B 118 -11.33 -32.86 14.99
CA GLU B 118 -11.29 -31.42 14.78
C GLU B 118 -11.13 -31.08 13.29
N ALA B 119 -10.28 -31.84 12.59
CA ALA B 119 -10.11 -31.62 11.17
C ALA B 119 -11.44 -31.58 10.45
N ARG B 120 -12.36 -32.47 10.84
CA ARG B 120 -13.69 -32.49 10.22
C ARG B 120 -14.47 -31.25 10.59
N ARG B 121 -14.35 -30.82 11.84
CA ARG B 121 -15.11 -29.64 12.25
C ARG B 121 -14.71 -28.46 11.39
N LYS B 122 -13.39 -28.23 11.28
CA LYS B 122 -12.88 -27.18 10.43
C LYS B 122 -13.22 -27.43 8.97
N PHE B 123 -12.99 -28.65 8.50
CA PHE B 123 -13.21 -28.91 7.08
C PHE B 123 -14.67 -28.71 6.69
N LYS B 124 -15.61 -29.13 7.54
CA LYS B 124 -17.02 -28.88 7.24
C LYS B 124 -17.26 -27.40 7.01
N GLN B 125 -16.70 -26.55 7.88
CA GLN B 125 -16.86 -25.11 7.75
C GLN B 125 -16.25 -24.60 6.45
N ILE B 126 -15.15 -25.20 6.02
CA ILE B 126 -14.48 -24.74 4.81
C ILE B 126 -15.33 -25.02 3.58
N VAL B 127 -15.81 -26.26 3.43
CA VAL B 127 -16.57 -26.61 2.22
C VAL B 127 -17.85 -25.78 2.13
N THR B 128 -18.49 -25.50 3.27
CA THR B 128 -19.71 -24.69 3.22
C THR B 128 -19.42 -23.34 2.57
N ALA B 129 -18.25 -22.74 2.90
CA ALA B 129 -17.84 -21.48 2.29
C ALA B 129 -17.50 -21.67 0.81
N VAL B 130 -16.70 -22.69 0.50
CA VAL B 130 -16.31 -22.94 -0.89
C VAL B 130 -17.53 -23.26 -1.74
N TYR B 131 -18.43 -24.11 -1.22
CA TYR B 131 -19.66 -24.42 -1.94
C TYR B 131 -20.52 -23.18 -2.09
N PHE B 132 -20.62 -22.38 -1.03
CA PHE B 132 -21.34 -21.11 -1.14
C PHE B 132 -20.79 -20.26 -2.28
N CYS B 133 -19.46 -20.18 -2.41
CA CYS B 133 -18.90 -19.40 -3.49
C CYS B 133 -19.29 -19.98 -4.84
N HIS B 134 -19.13 -21.30 -4.99
CA HIS B 134 -19.40 -21.95 -6.27
C HIS B 134 -20.85 -21.74 -6.67
N CYS B 135 -21.74 -21.81 -5.67
CA CYS B 135 -23.16 -21.58 -5.92
C CYS B 135 -23.39 -20.17 -6.44
N ARG B 136 -22.51 -19.24 -6.07
CA ARG B 136 -22.58 -17.86 -6.48
C ARG B 136 -21.71 -17.57 -7.71
N ASN B 137 -21.31 -18.62 -8.43
CA ASN B 137 -20.48 -18.47 -9.64
C ASN B 137 -19.14 -17.80 -9.34
N ILE B 138 -18.50 -18.24 -8.26
CA ILE B 138 -17.19 -17.73 -7.85
C ILE B 138 -16.30 -18.91 -7.55
N VAL B 139 -15.03 -18.80 -7.92
CA VAL B 139 -13.98 -19.77 -7.59
C VAL B 139 -12.88 -19.02 -6.86
N HIS B 140 -12.44 -19.56 -5.72
CA HIS B 140 -11.35 -18.92 -4.95
C HIS B 140 -10.02 -19.05 -5.67
N ARG B 141 -9.63 -20.28 -6.04
CA ARG B 141 -8.43 -20.66 -6.79
C ARG B 141 -7.11 -20.58 -6.03
N ASP B 142 -7.10 -20.16 -4.76
CA ASP B 142 -5.83 -20.05 -4.05
C ASP B 142 -5.99 -20.60 -2.62
N LEU B 143 -6.70 -21.71 -2.49
CA LEU B 143 -7.04 -22.24 -1.16
C LEU B 143 -5.85 -22.95 -0.52
N LYS B 144 -5.18 -22.29 0.41
CA LYS B 144 -4.07 -22.92 1.08
C LYS B 144 -4.19 -22.68 2.58
N ALA B 145 -3.47 -23.46 3.37
CA ALA B 145 -3.56 -23.28 4.82
C ALA B 145 -3.31 -21.81 5.22
N GLU B 146 -2.48 -21.09 4.46
CA GLU B 146 -2.24 -19.69 4.74
C GLU B 146 -3.47 -18.81 4.53
N ASN B 147 -4.44 -19.24 3.72
CA ASN B 147 -5.62 -18.43 3.53
C ASN B 147 -6.79 -18.89 4.39
N LEU B 148 -6.54 -19.78 5.36
CA LEU B 148 -7.55 -20.27 6.30
C LEU B 148 -7.32 -19.66 7.67
N LEU B 149 -8.33 -18.93 8.17
CA LEU B 149 -8.19 -18.16 9.39
C LEU B 149 -9.14 -18.68 10.45
N LEU B 150 -8.87 -18.34 11.71
CA LEU B 150 -9.73 -18.71 12.84
C LEU B 150 -10.18 -17.46 13.58
N ASP B 151 -11.48 -17.38 13.91
CA ASP B 151 -11.97 -16.26 14.70
C ASP B 151 -11.80 -16.65 16.17
N ALA B 152 -12.41 -15.86 17.06
CA ALA B 152 -12.25 -16.11 18.50
C ALA B 152 -12.90 -17.42 18.92
N ASN B 153 -13.92 -17.88 18.20
CA ASN B 153 -14.58 -19.14 18.52
C ASN B 153 -13.89 -20.34 17.87
N LEU B 154 -12.74 -20.13 17.21
CA LEU B 154 -12.00 -21.18 16.51
C LEU B 154 -12.77 -21.69 15.30
N ASN B 155 -13.58 -20.82 14.71
CA ASN B 155 -14.29 -21.06 13.47
C ASN B 155 -13.47 -20.60 12.25
N ILE B 156 -13.60 -21.33 11.15
CA ILE B 156 -12.90 -20.99 9.92
C ILE B 156 -13.47 -19.71 9.32
N LYS B 157 -12.57 -18.93 8.72
CA LYS B 157 -12.85 -17.79 7.84
C LYS B 157 -11.90 -17.91 6.65
N ILE B 158 -12.44 -17.97 5.43
CA ILE B 158 -11.67 -17.97 4.19
C ILE B 158 -11.19 -16.55 3.89
N ALA B 159 -9.99 -16.41 3.29
CA ALA B 159 -9.41 -15.10 3.05
C ALA B 159 -8.63 -15.06 1.75
N ASP B 160 -8.21 -13.81 1.40
CA ASP B 160 -7.38 -13.50 0.23
C ASP B 160 -8.02 -13.99 -1.07
N PHE B 161 -9.10 -13.33 -1.45
CA PHE B 161 -9.68 -13.65 -2.76
C PHE B 161 -8.96 -12.96 -3.91
N GLY B 162 -7.64 -12.88 -3.79
CA GLY B 162 -6.84 -12.17 -4.77
C GLY B 162 -6.92 -12.84 -6.12
N PHE B 163 -6.96 -14.15 -6.13
CA PHE B 163 -7.09 -14.92 -7.36
C PHE B 163 -8.53 -15.25 -7.69
N SER B 164 -9.48 -14.95 -6.80
CA SER B 164 -10.84 -15.39 -7.07
C SER B 164 -11.32 -14.81 -8.40
N ASN B 165 -12.20 -15.56 -9.05
CA ASN B 165 -12.65 -15.18 -10.37
C ASN B 165 -14.05 -15.73 -10.60
N LEU B 166 -14.85 -14.99 -11.38
CA LEU B 166 -16.21 -15.40 -11.71
C LEU B 166 -16.23 -16.42 -12.84
N PHE B 167 -17.27 -17.25 -12.85
CA PHE B 167 -17.37 -18.28 -13.87
C PHE B 167 -18.82 -18.68 -14.08
N THR B 168 -19.07 -19.25 -15.26
CA THR B 168 -20.37 -19.83 -15.59
C THR B 168 -20.18 -21.34 -15.78
N PRO B 169 -21.02 -22.18 -15.20
CA PRO B 169 -20.74 -23.63 -15.18
C PRO B 169 -20.47 -24.19 -16.57
N GLY B 170 -19.37 -24.95 -16.69
CA GLY B 170 -18.96 -25.48 -17.96
C GLY B 170 -18.13 -24.53 -18.78
N GLN B 171 -17.82 -23.36 -18.24
CA GLN B 171 -16.85 -22.47 -18.85
C GLN B 171 -15.46 -22.98 -18.52
N LEU B 172 -14.50 -22.67 -19.38
CA LEU B 172 -13.12 -22.99 -19.09
C LEU B 172 -12.37 -21.70 -18.82
N LEU B 173 -11.38 -21.80 -17.94
CA LEU B 173 -10.55 -20.68 -17.56
C LEU B 173 -9.12 -20.95 -18.05
N LYS B 174 -8.39 -19.88 -18.39
CA LYS B 174 -7.09 -20.11 -19.00
C LYS B 174 -5.89 -19.73 -18.15
N ASP B 175 -6.01 -18.82 -17.18
CA ASP B 175 -4.84 -18.30 -16.47
C ASP B 175 -4.42 -19.16 -15.26
N TRP B 176 -3.11 -19.22 -15.01
CA TRP B 176 -2.57 -19.89 -13.84
C TRP B 176 -3.04 -19.18 -12.59
N CYS B 177 -3.22 -19.92 -11.49
CA CYS B 177 -3.62 -19.33 -10.23
C CYS B 177 -2.99 -20.07 -9.04
N GLY B 178 -2.69 -19.32 -7.97
CA GLY B 178 -2.53 -19.85 -6.63
C GLY B 178 -1.18 -20.42 -6.28
N SER B 179 -1.07 -20.95 -5.08
CA SER B 179 0.18 -21.48 -4.59
C SER B 179 0.51 -22.82 -5.28
N PRO B 180 1.77 -23.07 -5.63
CA PRO B 180 2.12 -24.27 -6.43
C PRO B 180 1.84 -25.58 -5.72
N PRO B 181 2.12 -25.72 -4.42
CA PRO B 181 1.81 -27.01 -3.79
C PRO B 181 0.34 -27.37 -3.85
N TYR B 182 -0.54 -26.37 -3.80
CA TYR B 182 -1.98 -26.59 -3.88
C TYR B 182 -2.50 -26.54 -5.30
N ALA B 183 -1.63 -26.47 -6.31
CA ALA B 183 -2.10 -26.37 -7.68
C ALA B 183 -2.45 -27.75 -8.22
N ALA B 184 -3.62 -27.85 -8.86
CA ALA B 184 -4.03 -29.09 -9.51
C ALA B 184 -3.17 -29.35 -10.74
N PRO B 185 -2.93 -30.62 -11.08
CA PRO B 185 -1.93 -30.91 -12.12
C PRO B 185 -2.20 -30.25 -13.45
N GLU B 186 -3.46 -29.91 -13.77
CA GLU B 186 -3.78 -29.24 -15.03
C GLU B 186 -3.19 -27.83 -15.09
N LEU B 187 -3.14 -27.11 -13.96
CA LEU B 187 -2.55 -25.77 -13.95
C LEU B 187 -1.06 -25.82 -14.28
N PHE B 188 -0.35 -26.80 -13.73
CA PHE B 188 1.05 -26.99 -14.10
C PHE B 188 1.16 -27.21 -15.60
N GLU B 189 0.39 -28.16 -16.12
CA GLU B 189 0.40 -28.50 -17.54
C GLU B 189 0.01 -27.31 -18.41
N GLY B 190 -0.75 -26.38 -17.88
CA GLY B 190 -1.18 -25.25 -18.65
C GLY B 190 -2.48 -25.47 -19.39
N LYS B 191 -3.14 -26.60 -19.17
CA LYS B 191 -4.41 -26.83 -19.84
C LYS B 191 -5.46 -25.82 -19.40
N GLU B 192 -6.50 -25.67 -20.22
CA GLU B 192 -7.71 -24.99 -19.78
C GLU B 192 -8.43 -25.89 -18.79
N TYR B 193 -9.18 -25.27 -17.87
CA TYR B 193 -9.69 -26.06 -16.76
C TYR B 193 -11.05 -25.57 -16.30
N ASP B 194 -11.82 -26.50 -15.75
CA ASP B 194 -13.06 -26.16 -15.06
C ASP B 194 -12.73 -25.69 -13.67
N GLY B 195 -13.21 -24.50 -13.33
CA GLY B 195 -12.82 -23.83 -12.11
C GLY B 195 -13.08 -24.68 -10.90
N PRO B 196 -14.33 -25.07 -10.69
CA PRO B 196 -14.62 -25.84 -9.48
C PRO B 196 -13.80 -27.10 -9.33
N LYS B 197 -13.40 -27.75 -10.42
CA LYS B 197 -12.58 -28.95 -10.25
C LYS B 197 -11.19 -28.63 -9.66
N VAL B 198 -10.61 -27.45 -9.95
CA VAL B 198 -9.31 -27.10 -9.36
C VAL B 198 -9.48 -26.63 -7.91
N ASP B 199 -10.61 -26.01 -7.58
CA ASP B 199 -10.82 -25.72 -6.17
C ASP B 199 -10.85 -27.01 -5.39
N ILE B 200 -11.43 -28.05 -5.97
CA ILE B 200 -11.55 -29.35 -5.30
C ILE B 200 -10.20 -30.02 -5.08
N TRP B 201 -9.34 -30.06 -6.10
CA TRP B 201 -8.02 -30.63 -5.85
C TRP B 201 -7.36 -29.86 -4.72
N SER B 202 -7.40 -28.53 -4.82
CA SER B 202 -6.77 -27.67 -3.83
C SER B 202 -7.28 -27.97 -2.43
N LEU B 203 -8.59 -28.21 -2.29
CA LEU B 203 -9.20 -28.69 -1.05
C LEU B 203 -8.72 -30.09 -0.66
N GLY B 204 -8.35 -30.92 -1.65
CA GLY B 204 -7.80 -32.22 -1.30
C GLY B 204 -6.50 -32.06 -0.53
N VAL B 205 -5.62 -31.20 -1.05
CA VAL B 205 -4.36 -30.87 -0.40
C VAL B 205 -4.60 -30.25 0.97
N VAL B 206 -5.61 -29.39 1.09
CA VAL B 206 -5.91 -28.80 2.39
C VAL B 206 -6.20 -29.90 3.41
N LEU B 207 -7.07 -30.84 3.03
CA LEU B 207 -7.45 -31.92 3.95
C LEU B 207 -6.24 -32.72 4.36
N TYR B 208 -5.39 -33.05 3.40
CA TYR B 208 -4.17 -33.77 3.73
C TYR B 208 -3.33 -32.97 4.71
N VAL B 209 -3.23 -31.64 4.49
CA VAL B 209 -2.45 -30.80 5.39
C VAL B 209 -3.04 -30.80 6.79
N LEU B 210 -4.36 -30.68 6.90
CA LEU B 210 -4.99 -30.66 8.22
C LEU B 210 -4.76 -31.97 8.97
N VAL B 211 -5.00 -33.10 8.30
CA VAL B 211 -4.98 -34.38 9.00
C VAL B 211 -3.54 -34.85 9.24
N CYS B 212 -2.61 -34.60 8.30
CA CYS B 212 -1.24 -35.13 8.43
C CYS B 212 -0.20 -34.16 8.97
N GLY B 213 -0.42 -32.84 8.88
CA GLY B 213 0.64 -31.89 9.21
C GLY B 213 1.83 -32.00 8.27
N ALA B 214 1.56 -32.35 7.03
CA ALA B 214 2.58 -32.56 6.04
C ALA B 214 2.05 -32.10 4.69
N LEU B 215 2.95 -31.99 3.76
CA LEU B 215 2.46 -31.61 2.44
C LEU B 215 2.33 -32.87 1.62
N PRO B 216 1.27 -33.04 0.85
CA PRO B 216 1.23 -34.20 -0.05
C PRO B 216 2.28 -34.13 -1.15
N PHE B 217 2.56 -32.95 -1.72
CA PHE B 217 3.55 -32.79 -2.78
C PHE B 217 4.56 -31.69 -2.46
N ASP B 218 5.86 -31.98 -2.63
CA ASP B 218 6.86 -30.97 -2.32
C ASP B 218 8.19 -31.28 -3.01
N GLY B 219 8.96 -30.23 -3.30
CA GLY B 219 10.25 -30.43 -3.94
C GLY B 219 11.18 -29.25 -3.71
N SER B 220 12.48 -29.53 -3.83
CA SER B 220 13.47 -28.47 -3.73
C SER B 220 13.30 -27.43 -4.82
N THR B 221 13.01 -27.88 -6.02
CA THR B 221 12.81 -26.94 -7.12
C THR B 221 11.36 -27.05 -7.56
N LEU B 222 10.88 -26.02 -8.26
CA LEU B 222 9.53 -26.08 -8.80
C LEU B 222 9.38 -27.28 -9.74
N GLN B 223 10.44 -27.59 -10.50
CA GLN B 223 10.40 -28.74 -11.40
C GLN B 223 10.28 -30.03 -10.61
N ASN B 224 11.00 -30.13 -9.49
CA ASN B 224 10.83 -31.31 -8.65
C ASN B 224 9.41 -31.42 -8.15
N LEU B 225 8.90 -30.35 -7.53
CA LEU B 225 7.53 -30.34 -7.06
C LEU B 225 6.55 -30.65 -8.19
N ARG B 226 6.68 -29.99 -9.33
CA ARG B 226 5.80 -30.25 -10.47
C ARG B 226 5.80 -31.74 -10.85
N ALA B 227 6.97 -32.34 -10.89
CA ALA B 227 7.04 -33.76 -11.19
C ALA B 227 6.20 -34.53 -10.20
N ARG B 228 6.26 -34.11 -8.92
CA ARG B 228 5.58 -34.79 -7.84
C ARG B 228 4.07 -34.69 -7.99
N VAL B 229 3.56 -33.49 -8.29
CA VAL B 229 2.13 -33.32 -8.50
C VAL B 229 1.68 -34.10 -9.73
N LEU B 230 2.44 -34.04 -10.81
CA LEU B 230 2.00 -34.74 -12.00
C LEU B 230 1.98 -36.25 -11.78
N SER B 231 2.86 -36.80 -10.94
CA SER B 231 2.82 -38.25 -10.72
C SER B 231 1.51 -38.65 -10.09
N GLY B 232 0.92 -37.71 -9.33
CA GLY B 232 -0.29 -37.95 -8.59
C GLY B 232 -0.12 -38.96 -7.49
N LYS B 233 1.10 -39.23 -7.07
CA LYS B 233 1.32 -40.25 -6.05
C LYS B 233 1.74 -39.56 -4.76
N PHE B 234 1.31 -40.11 -3.63
CA PHE B 234 1.67 -39.49 -2.37
C PHE B 234 1.62 -40.50 -1.25
N ARG B 235 2.27 -40.14 -0.14
CA ARG B 235 2.28 -40.97 1.06
C ARG B 235 0.98 -40.79 1.78
N ILE B 236 0.48 -41.87 2.38
CA ILE B 236 -0.67 -41.83 3.26
C ILE B 236 -0.30 -42.44 4.61
N PRO B 237 -0.29 -41.70 5.69
CA PRO B 237 0.24 -42.23 6.95
C PRO B 237 -0.59 -43.38 7.50
N PHE B 238 0.05 -44.13 8.38
CA PHE B 238 -0.65 -45.24 8.98
C PHE B 238 -1.70 -44.78 10.01
N PHE B 239 -1.53 -43.60 10.64
CA PHE B 239 -2.47 -43.15 11.66
C PHE B 239 -3.79 -42.61 11.11
N MET B 240 -3.90 -42.45 9.78
CA MET B 240 -5.11 -41.92 9.12
C MET B 240 -6.25 -42.95 9.04
N SER B 241 -7.49 -42.50 9.27
CA SER B 241 -8.65 -43.38 9.19
C SER B 241 -8.84 -43.89 7.76
N THR B 242 -9.33 -45.12 7.62
CA THR B 242 -9.57 -45.68 6.28
C THR B 242 -10.57 -44.83 5.50
N GLU B 243 -11.52 -44.22 6.21
CA GLU B 243 -12.52 -43.38 5.56
C GLU B 243 -11.89 -42.11 5.03
N CYS B 244 -11.00 -41.49 5.82
CA CYS B 244 -10.38 -40.24 5.36
C CYS B 244 -9.55 -40.49 4.10
N GLU B 245 -8.71 -41.51 4.12
CA GLU B 245 -7.89 -41.83 2.96
C GLU B 245 -8.73 -41.95 1.70
N HIS B 246 -9.91 -42.57 1.82
CA HIS B 246 -10.79 -42.67 0.66
C HIS B 246 -11.12 -41.29 0.14
N LEU B 247 -11.54 -40.41 1.05
CA LEU B 247 -11.98 -39.08 0.65
C LEU B 247 -10.88 -38.38 -0.11
N ILE B 248 -9.68 -38.33 0.50
CA ILE B 248 -8.56 -37.64 -0.13
C ILE B 248 -8.22 -38.28 -1.45
N ARG B 249 -8.10 -39.62 -1.47
CA ARG B 249 -7.66 -40.29 -2.69
C ARG B 249 -8.59 -39.96 -3.87
N HIS B 250 -9.88 -39.73 -3.58
CA HIS B 250 -10.90 -39.35 -4.56
C HIS B 250 -11.00 -37.85 -4.78
N MET B 251 -10.46 -37.05 -3.88
CA MET B 251 -10.30 -35.63 -4.21
C MET B 251 -9.07 -35.40 -5.10
N LEU B 252 -7.92 -35.97 -4.72
CA LEU B 252 -6.64 -35.74 -5.41
C LEU B 252 -6.48 -36.74 -6.57
N VAL B 253 -7.30 -36.52 -7.60
CA VAL B 253 -7.36 -37.41 -8.76
C VAL B 253 -6.85 -36.64 -9.96
N LEU B 254 -5.97 -37.25 -10.76
CA LEU B 254 -5.34 -36.51 -11.84
C LEU B 254 -6.33 -36.13 -12.94
N ASP B 255 -7.28 -37.00 -13.24
CA ASP B 255 -8.30 -36.65 -14.23
C ASP B 255 -9.35 -35.77 -13.58
N PRO B 256 -9.49 -34.51 -13.99
CA PRO B 256 -10.42 -33.63 -13.27
C PRO B 256 -11.82 -34.17 -13.15
N ASN B 257 -12.34 -34.85 -14.18
CA ASN B 257 -13.73 -35.28 -14.12
C ASN B 257 -13.92 -36.36 -13.09
N LYS B 258 -12.90 -37.19 -12.89
CA LYS B 258 -12.92 -38.31 -11.95
C LYS B 258 -12.93 -37.87 -10.48
N ARG B 259 -12.73 -36.58 -10.18
CA ARG B 259 -12.81 -36.07 -8.81
C ARG B 259 -14.25 -35.95 -8.32
N LEU B 260 -14.44 -36.07 -6.99
CA LEU B 260 -15.78 -35.91 -6.43
C LEU B 260 -16.33 -34.52 -6.64
N SER B 261 -17.65 -34.44 -6.74
CA SER B 261 -18.33 -33.17 -6.72
C SER B 261 -18.43 -32.71 -5.28
N MET B 262 -18.67 -31.41 -5.10
CA MET B 262 -18.82 -30.89 -3.75
C MET B 262 -20.00 -31.55 -3.05
N GLU B 263 -21.04 -31.91 -3.80
CA GLU B 263 -22.17 -32.63 -3.19
C GLU B 263 -21.70 -33.97 -2.64
N GLN B 264 -20.90 -34.69 -3.42
CA GLN B 264 -20.40 -35.99 -2.98
C GLN B 264 -19.44 -35.85 -1.80
N ILE B 265 -18.73 -34.71 -1.74
CA ILE B 265 -17.84 -34.46 -0.62
C ILE B 265 -18.62 -34.28 0.66
N CYS B 266 -19.73 -33.54 0.60
CA CYS B 266 -20.52 -33.31 1.81
C CYS B 266 -21.21 -34.56 2.28
N LYS B 267 -21.58 -35.45 1.36
CA LYS B 267 -22.27 -36.69 1.73
C LYS B 267 -21.30 -37.83 1.97
N HIS B 268 -20.00 -37.59 1.81
CA HIS B 268 -19.00 -38.65 1.93
C HIS B 268 -18.95 -39.25 3.33
N LYS B 269 -18.67 -40.57 3.35
CA LYS B 269 -18.73 -41.33 4.58
C LYS B 269 -17.88 -40.73 5.68
N TRP B 270 -16.74 -40.13 5.34
CA TRP B 270 -15.88 -39.51 6.35
C TRP B 270 -16.56 -38.33 7.02
N MET B 271 -17.28 -37.53 6.23
CA MET B 271 -17.95 -36.35 6.76
C MET B 271 -19.05 -36.74 7.74
N LYS B 272 -19.76 -37.83 7.42
CA LYS B 272 -20.90 -38.31 8.20
C LYS B 272 -20.48 -39.05 9.47
N LEU B 273 -19.20 -39.40 9.60
CA LEU B 273 -18.69 -40.00 10.81
C LEU B 273 -18.98 -39.12 12.02
N GLY B 274 -18.89 -39.72 13.21
CA GLY B 274 -19.12 -39.00 14.43
C GLY B 274 -20.59 -38.70 14.70
N ASP B 275 -20.79 -37.79 15.65
CA ASP B 275 -22.12 -37.32 15.99
C ASP B 275 -22.76 -36.66 14.78
N ALA B 276 -24.08 -36.81 14.69
CA ALA B 276 -24.83 -36.25 13.57
C ALA B 276 -24.79 -34.73 13.60
N ASP B 277 -24.79 -34.14 12.41
CA ASP B 277 -24.62 -32.69 12.28
C ASP B 277 -25.85 -32.11 11.61
N PRO B 278 -26.78 -31.53 12.36
CA PRO B 278 -27.91 -30.85 11.70
C PRO B 278 -27.48 -29.54 11.07
N ASN B 279 -26.69 -28.75 11.82
CA ASN B 279 -26.22 -27.44 11.35
C ASN B 279 -25.41 -27.55 10.07
N PHE B 280 -24.63 -28.63 9.89
CA PHE B 280 -23.88 -28.74 8.64
C PHE B 280 -24.82 -28.88 7.44
N ASP B 281 -25.68 -29.90 7.48
CA ASP B 281 -26.56 -30.15 6.32
C ASP B 281 -27.48 -28.97 6.05
N ARG B 282 -27.79 -28.19 7.09
CA ARG B 282 -28.61 -27.00 6.92
C ARG B 282 -27.89 -25.97 6.07
N LEU B 283 -26.65 -25.65 6.43
CA LEU B 283 -25.87 -24.68 5.66
C LEU B 283 -25.67 -25.17 4.22
N ILE B 284 -25.46 -26.48 4.05
CA ILE B 284 -25.24 -27.02 2.71
C ILE B 284 -26.48 -26.86 1.87
N ALA B 285 -27.65 -27.05 2.47
CA ALA B 285 -28.90 -26.88 1.74
C ALA B 285 -29.09 -25.42 1.36
N GLU B 286 -28.69 -24.50 2.25
CA GLU B 286 -28.91 -23.08 2.03
C GLU B 286 -28.26 -22.62 0.73
N CYS B 287 -27.15 -23.25 0.35
CA CYS B 287 -26.35 -22.81 -0.78
C CYS B 287 -27.04 -22.96 -2.13
N GLN B 288 -28.03 -23.86 -2.27
CA GLN B 288 -28.66 -24.12 -3.57
C GLN B 288 -29.52 -22.96 -4.07
N GLN B 289 -30.17 -22.21 -3.18
CA GLN B 289 -30.99 -21.05 -3.59
C GLN B 289 -31.28 -20.21 -2.36
N PRO B 298 -32.30 -9.10 5.42
CA PRO B 298 -32.31 -8.87 6.87
C PRO B 298 -31.78 -7.47 7.19
N LEU B 299 -32.67 -6.51 7.43
CA LEU B 299 -32.27 -5.11 7.47
C LEU B 299 -31.76 -4.61 8.83
N ASN B 300 -32.12 -5.26 9.95
CA ASN B 300 -31.58 -4.99 11.29
C ASN B 300 -31.67 -3.50 11.66
N GLU B 301 -32.90 -3.06 11.94
CA GLU B 301 -33.12 -1.65 12.30
C GLU B 301 -32.53 -1.30 13.66
N ASP B 302 -32.22 -2.31 14.48
CA ASP B 302 -31.75 -2.06 15.84
C ASP B 302 -30.50 -1.17 15.82
N VAL B 303 -29.51 -1.51 14.99
CA VAL B 303 -28.29 -0.72 14.92
C VAL B 303 -28.55 0.68 14.38
N LEU B 304 -29.48 0.82 13.42
CA LEU B 304 -29.72 2.13 12.81
C LEU B 304 -30.03 3.20 13.84
N LEU B 305 -30.79 2.85 14.89
CA LEU B 305 -31.02 3.84 15.95
C LEU B 305 -29.74 4.11 16.73
N ALA B 306 -28.92 3.07 16.95
CA ALA B 306 -27.61 3.27 17.59
C ALA B 306 -26.78 4.25 16.75
N MET B 307 -26.74 4.02 15.45
CA MET B 307 -26.14 4.98 14.53
C MET B 307 -26.91 6.28 14.48
N GLU B 308 -28.24 6.22 14.62
CA GLU B 308 -29.00 7.46 14.70
C GLU B 308 -28.54 8.24 15.93
N ASP B 309 -28.16 7.52 17.00
CA ASP B 309 -27.60 8.12 18.21
C ASP B 309 -26.27 8.83 17.94
N MET B 310 -25.40 8.23 17.09
CA MET B 310 -24.17 8.93 16.72
C MET B 310 -24.44 10.19 15.90
N GLY B 311 -25.70 10.51 15.64
CA GLY B 311 -26.05 11.76 15.01
C GLY B 311 -25.82 11.80 13.53
N LEU B 312 -25.32 10.72 12.96
CA LEU B 312 -25.08 10.62 11.53
C LEU B 312 -26.38 10.44 10.75
N ASP B 313 -26.37 10.97 9.53
CA ASP B 313 -27.59 11.12 8.75
C ASP B 313 -28.10 9.76 8.30
N LYS B 314 -29.32 9.42 8.72
CA LYS B 314 -29.97 8.17 8.33
C LYS B 314 -30.14 8.08 6.82
N GLU B 315 -30.47 9.19 6.16
CA GLU B 315 -30.71 9.14 4.73
C GLU B 315 -29.43 8.80 3.98
N GLN B 316 -28.29 9.39 4.38
CA GLN B 316 -27.05 9.15 3.65
C GLN B 316 -26.54 7.72 3.90
N THR B 317 -26.65 7.24 5.15
CA THR B 317 -26.28 5.86 5.46
C THR B 317 -27.09 4.86 4.62
N LEU B 318 -28.42 5.00 4.59
CA LEU B 318 -29.21 4.06 3.80
C LEU B 318 -28.80 4.13 2.33
N GLN B 319 -28.51 5.33 1.84
CA GLN B 319 -28.02 5.46 0.46
C GLN B 319 -26.67 4.78 0.30
N SER B 320 -25.81 4.84 1.33
CA SER B 320 -24.55 4.11 1.26
C SER B 320 -24.80 2.61 1.15
N LEU B 321 -25.73 2.08 1.95
CA LEU B 321 -26.00 0.65 1.93
C LEU B 321 -26.69 0.22 0.64
N ARG B 322 -27.73 0.94 0.21
CA ARG B 322 -28.33 0.57 -1.08
C ARG B 322 -27.34 0.74 -2.22
N SER B 323 -26.61 1.86 -2.25
CA SER B 323 -25.68 2.12 -3.35
C SER B 323 -24.54 1.11 -3.40
N ASP B 324 -24.31 0.40 -2.30
CA ASP B 324 -23.31 -0.66 -2.20
C ASP B 324 -21.89 -0.09 -2.27
N ALA B 325 -21.72 1.17 -1.91
CA ALA B 325 -20.39 1.77 -1.81
C ALA B 325 -19.90 1.60 -0.38
N TYR B 326 -18.79 0.92 -0.21
CA TYR B 326 -18.30 0.52 1.11
C TYR B 326 -17.48 1.66 1.68
N ASP B 327 -18.13 2.55 2.45
CA ASP B 327 -17.45 3.73 2.99
C ASP B 327 -17.54 3.72 4.52
N HIS B 328 -17.09 4.82 5.13
CA HIS B 328 -17.02 4.94 6.59
C HIS B 328 -18.38 4.67 7.21
N TYR B 329 -19.45 4.95 6.46
CA TYR B 329 -20.80 4.61 6.90
C TYR B 329 -21.01 3.10 6.89
N SER B 330 -20.64 2.44 5.78
CA SER B 330 -20.78 0.99 5.71
C SER B 330 -19.90 0.29 6.75
N ALA B 331 -18.72 0.82 7.02
CA ALA B 331 -17.86 0.14 7.99
C ALA B 331 -18.49 0.15 9.37
N ILE B 332 -18.98 1.32 9.83
CA ILE B 332 -19.57 1.43 11.17
C ILE B 332 -20.85 0.61 11.27
N TYR B 333 -21.63 0.56 10.18
CA TYR B 333 -22.82 -0.28 10.18
C TYR B 333 -22.45 -1.76 10.33
N SER B 334 -21.57 -2.25 9.45
CA SER B 334 -21.20 -3.66 9.48
C SER B 334 -20.58 -4.03 10.81
N LEU B 335 -19.79 -3.14 11.39
CA LEU B 335 -19.15 -3.46 12.66
C LEU B 335 -20.17 -3.53 13.78
N LEU B 336 -21.06 -2.53 13.87
CA LEU B 336 -22.11 -2.51 14.88
C LEU B 336 -23.04 -3.70 14.73
N CYS B 337 -23.27 -4.11 13.48
CA CYS B 337 -24.11 -5.25 13.21
C CYS B 337 -23.51 -6.51 13.80
N ASP B 338 -22.18 -6.61 13.73
CA ASP B 338 -21.49 -7.69 14.42
C ASP B 338 -21.67 -7.61 15.92
N ARG B 339 -21.78 -6.40 16.48
CA ARG B 339 -22.02 -6.30 17.92
C ARG B 339 -23.39 -6.84 18.31
N HIS B 340 -24.39 -6.66 17.44
CA HIS B 340 -25.74 -7.15 17.71
C HIS B 340 -25.81 -8.68 17.65
N LYS B 341 -24.97 -9.29 16.79
CA LYS B 341 -24.80 -10.74 16.84
C LYS B 341 -24.03 -11.17 18.10
N ARG B 342 -23.05 -10.36 18.54
CA ARG B 342 -22.27 -10.64 19.74
C ARG B 342 -23.10 -10.51 21.02
N HIS B 343 -24.32 -9.96 20.90
CA HIS B 343 -25.22 -9.65 22.03
C HIS B 343 -24.68 -8.48 22.88
N LYS B 344 -24.19 -7.42 22.22
CA LYS B 344 -23.88 -6.16 22.93
C LYS B 344 -25.04 -5.17 22.77
#